data_4JAM
#
_entry.id   4JAM
#
_cell.length_a   43.027
_cell.length_b   146.375
_cell.length_c   66.322
_cell.angle_alpha   90.00
_cell.angle_beta   97.71
_cell.angle_gamma   90.00
#
_symmetry.space_group_name_H-M   'P 1 21 1'
#
loop_
_entity.id
_entity.type
_entity.pdbx_description
1 polymer 'ANTIGEN BINDING FRAGMENT OF HEAVY CHAIN of CH103'
2 polymer 'ANTIGEN BINDING FRAGMENT OF LIGHT CHAIN of CH103'
3 non-polymer 'SULFATE ION'
4 non-polymer 1,2-ETHANEDIOL
5 non-polymer GLYCEROL
6 water water
#
loop_
_entity_poly.entity_id
_entity_poly.type
_entity_poly.pdbx_seq_one_letter_code
_entity_poly.pdbx_strand_id
1 'polypeptide(L)'
;QVQLQESGPGVVKSSETLSLTCTVSGGSMGGTYWSWLRLSPGKGLEWIGYIFHTGETNYSPSLKGRVSISVDTSEDQFSL
RLRSVTAADTAVYFCASLPRGQLVNAYFRNWGRGSLVSVTAASTKGPSVFPLAPSSKSTSGGTAALGCLVKDYFPEPVTV
SWNSGALTSGVHTFPAVLQSSGLYSLSSVVTVPSSSLGTQTYICNVNHKPSNTKVDKKVEPKSCDK
;
H,A
2 'polypeptide(L)'
;YELTQPPSVSVSPGQTATITCSGASTNVCWYQVKPGQSPEVVIFENYKRPSGIPDRFSGSKSGSTATLTIRGTQAIDEAD
YYCQVWDSFSTFVFGSGTQVTVLRQPKANPTVTLFPPSSEELQANKATLVCLISDFYPGAVTVAWKADSSPVKAGVETTT
PSKQSNNKYAASSYLSLTPEQWKSHRSYSCQVTHEGSTVEKTVAPTECS
;
L,B
#
loop_
_chem_comp.id
_chem_comp.type
_chem_comp.name
_chem_comp.formula
EDO non-polymer 1,2-ETHANEDIOL 'C2 H6 O2'
GOL non-polymer GLYCEROL 'C3 H8 O3'
SO4 non-polymer 'SULFATE ION' 'O4 S -2'
#
# COMPACT_ATOMS: atom_id res chain seq x y z
N GLN A 1 -38.85 -24.50 -6.03
CA GLN A 1 -39.75 -25.69 -6.07
C GLN A 1 -38.90 -26.96 -6.16
N VAL A 2 -37.65 -26.79 -6.60
CA VAL A 2 -36.66 -27.89 -6.63
C VAL A 2 -35.58 -27.69 -5.58
N GLN A 3 -35.47 -28.63 -4.66
CA GLN A 3 -34.55 -28.49 -3.53
C GLN A 3 -33.57 -29.63 -3.48
N LEU A 4 -32.30 -29.30 -3.26
CA LEU A 4 -31.24 -30.29 -3.16
C LEU A 4 -30.79 -30.37 -1.69
N GLN A 5 -30.61 -31.60 -1.21
CA GLN A 5 -30.19 -31.86 0.17
C GLN A 5 -28.97 -32.77 0.21
N GLU A 6 -27.89 -32.26 0.80
CA GLU A 6 -26.68 -33.05 0.90
C GLU A 6 -26.68 -33.87 2.16
N SER A 7 -26.00 -35.01 2.13
CA SER A 7 -25.78 -35.76 3.34
C SER A 7 -25.03 -34.86 4.33
N GLY A 8 -25.31 -35.05 5.61
CA GLY A 8 -24.82 -34.16 6.64
C GLY A 8 -23.32 -34.00 6.63
N PRO A 9 -22.81 -33.08 7.46
CA PRO A 9 -21.37 -32.89 7.55
C PRO A 9 -20.79 -34.00 8.38
N GLY A 10 -19.51 -34.27 8.16
CA GLY A 10 -18.86 -35.32 8.90
C GLY A 10 -17.37 -35.15 8.93
N VAL A 11 -16.70 -36.14 9.50
CA VAL A 11 -15.26 -36.18 9.49
C VAL A 11 -14.86 -37.42 8.72
N VAL A 12 -13.79 -37.29 7.96
CA VAL A 12 -13.23 -38.40 7.22
C VAL A 12 -11.77 -38.50 7.62
N LYS A 13 -11.29 -39.73 7.77
CA LYS A 13 -9.91 -39.90 8.20
C LYS A 13 -9.00 -39.74 6.98
N SER A 14 -7.95 -38.97 7.18
CA SER A 14 -6.98 -38.67 6.13
C SER A 14 -6.51 -39.97 5.47
N SER A 15 -6.49 -39.96 4.13
CA SER A 15 -6.09 -41.12 3.32
C SER A 15 -7.28 -41.98 2.86
N GLU A 16 -8.46 -41.72 3.42
CA GLU A 16 -9.62 -42.54 3.10
C GLU A 16 -10.47 -41.86 2.04
N THR A 17 -11.66 -42.39 1.79
CA THR A 17 -12.51 -41.87 0.73
C THR A 17 -13.64 -41.02 1.29
N LEU A 18 -13.71 -39.79 0.81
CA LEU A 18 -14.82 -38.91 1.13
C LEU A 18 -16.01 -39.36 0.32
N SER A 19 -17.18 -39.47 0.98
CA SER A 19 -18.38 -39.95 0.32
C SER A 19 -19.60 -39.11 0.71
N LEU A 20 -20.18 -38.43 -0.26
CA LEU A 20 -21.36 -37.60 -0.03
C LEU A 20 -22.48 -38.00 -0.99
N THR A 21 -23.71 -37.66 -0.62
CA THR A 21 -24.83 -37.84 -1.52
C THR A 21 -25.68 -36.58 -1.52
N CYS A 22 -26.37 -36.38 -2.63
CA CYS A 22 -27.31 -35.27 -2.79
C CYS A 22 -28.65 -35.85 -3.24
N THR A 23 -29.70 -35.50 -2.52
CA THR A 23 -31.03 -35.93 -2.89
C THR A 23 -31.81 -34.78 -3.53
N VAL A 24 -32.43 -35.06 -4.67
CA VAL A 24 -33.16 -34.06 -5.43
C VAL A 24 -34.66 -34.19 -5.19
N SER A 25 -35.33 -33.07 -4.90
CA SER A 25 -36.78 -33.10 -4.69
C SER A 25 -37.46 -32.07 -5.59
N GLY A 26 -38.37 -32.53 -6.45
CA GLY A 26 -39.06 -31.66 -7.40
C GLY A 26 -38.41 -31.73 -8.77
N GLY A 27 -39.16 -31.38 -9.82
CA GLY A 27 -38.66 -31.44 -11.18
C GLY A 27 -38.35 -32.86 -11.65
N SER A 28 -37.54 -32.96 -12.70
CA SER A 28 -37.08 -34.25 -13.22
C SER A 28 -35.59 -34.39 -13.00
N MET A 29 -35.07 -35.60 -13.18
CA MET A 29 -33.63 -35.82 -13.16
C MET A 29 -33.01 -35.59 -14.54
N GLY A 30 -33.85 -35.43 -15.56
CA GLY A 30 -33.36 -35.16 -16.91
C GLY A 30 -33.02 -33.68 -17.14
N GLY A 31 -32.44 -33.40 -18.30
CA GLY A 31 -32.20 -32.03 -18.76
C GLY A 31 -31.22 -31.24 -17.91
N THR A 32 -30.43 -31.93 -17.10
CA THR A 32 -29.65 -31.27 -16.05
C THR A 32 -28.28 -31.88 -15.84
N TYR A 33 -27.29 -31.04 -15.58
CA TYR A 33 -25.98 -31.53 -15.12
C TYR A 33 -25.98 -31.40 -13.60
N TRP A 34 -26.10 -32.52 -12.91
CA TRP A 34 -26.10 -32.54 -11.46
C TRP A 34 -24.66 -32.41 -10.97
N SER A 35 -24.42 -31.35 -10.21
CA SER A 35 -23.07 -30.87 -9.96
C SER A 35 -22.63 -30.87 -8.51
N TRP A 36 -21.33 -30.96 -8.33
CA TRP A 36 -20.68 -30.78 -7.03
C TRP A 36 -19.65 -29.68 -7.12
N LEU A 37 -19.60 -28.88 -6.08
CA LEU A 37 -18.59 -27.84 -5.91
C LEU A 37 -18.12 -27.88 -4.46
N ARG A 38 -17.03 -27.19 -4.18
CA ARG A 38 -16.61 -27.02 -2.78
C ARG A 38 -16.05 -25.63 -2.55
N LEU A 39 -16.04 -25.25 -1.28
CA LEU A 39 -15.59 -23.94 -0.85
C LEU A 39 -14.68 -24.08 0.34
N SER A 40 -13.45 -23.59 0.21
CA SER A 40 -12.50 -23.57 1.32
C SER A 40 -11.61 -22.32 1.30
N PRO A 41 -11.02 -21.98 2.46
CA PRO A 41 -10.17 -20.79 2.58
C PRO A 41 -8.97 -20.88 1.67
N GLY A 42 -8.40 -22.07 1.57
CA GLY A 42 -7.15 -22.27 0.86
C GLY A 42 -7.30 -22.33 -0.66
N LYS A 43 -8.51 -22.60 -1.15
CA LYS A 43 -8.68 -22.68 -2.60
C LYS A 43 -9.96 -22.01 -3.10
N GLY A 44 -10.67 -21.30 -2.22
CA GLY A 44 -11.87 -20.60 -2.61
C GLY A 44 -12.94 -21.55 -3.10
N LEU A 45 -13.76 -21.06 -4.03
CA LEU A 45 -14.88 -21.82 -4.58
C LEU A 45 -14.43 -22.53 -5.86
N GLU A 46 -14.63 -23.85 -5.89
CA GLU A 46 -14.16 -24.70 -6.98
C GLU A 46 -15.25 -25.63 -7.46
N TRP A 47 -15.40 -25.73 -8.77
CA TRP A 47 -16.23 -26.76 -9.35
C TRP A 47 -15.51 -28.10 -9.36
N ILE A 48 -16.22 -29.16 -9.00
CA ILE A 48 -15.64 -30.50 -8.91
C ILE A 48 -15.99 -31.38 -10.10
N GLY A 49 -17.27 -31.43 -10.43
CA GLY A 49 -17.71 -32.27 -11.52
C GLY A 49 -19.22 -32.25 -11.65
N TYR A 50 -19.70 -32.84 -12.73
CA TYR A 50 -21.14 -33.06 -12.87
C TYR A 50 -21.46 -34.34 -13.58
N ILE A 51 -22.73 -34.69 -13.55
CA ILE A 51 -23.25 -35.92 -14.18
C ILE A 51 -24.61 -35.65 -14.81
N PHE A 52 -24.79 -36.21 -16.00
CA PHE A 52 -26.04 -36.14 -16.73
C PHE A 52 -26.83 -37.42 -16.42
N HIS A 53 -28.14 -37.41 -16.62
CA HIS A 53 -28.95 -38.56 -16.22
C HIS A 53 -28.54 -39.87 -16.88
N THR A 54 -27.83 -39.80 -18.02
CA THR A 54 -27.37 -40.99 -18.72
C THR A 54 -26.19 -41.63 -18.01
N GLY A 55 -25.62 -40.93 -17.04
CA GLY A 55 -24.45 -41.39 -16.34
C GLY A 55 -23.15 -40.80 -16.85
N GLU A 56 -23.22 -40.01 -17.92
CA GLU A 56 -22.03 -39.35 -18.46
C GLU A 56 -21.55 -38.29 -17.51
N THR A 57 -20.25 -38.31 -17.21
CA THR A 57 -19.67 -37.37 -16.26
C THR A 57 -18.64 -36.43 -16.88
N ASN A 58 -18.40 -35.34 -16.19
CA ASN A 58 -17.34 -34.38 -16.50
C ASN A 58 -16.72 -33.92 -15.19
N TYR A 59 -15.40 -33.97 -15.12
CA TYR A 59 -14.69 -33.69 -13.88
C TYR A 59 -13.64 -32.62 -14.08
N SER A 60 -13.41 -31.84 -13.02
CA SER A 60 -12.33 -30.88 -13.02
C SER A 60 -11.00 -31.59 -13.31
N PRO A 61 -10.20 -31.05 -14.23
CA PRO A 61 -8.89 -31.64 -14.50
C PRO A 61 -8.02 -31.74 -13.23
N SER A 62 -8.31 -30.90 -12.26
CA SER A 62 -7.52 -30.84 -11.03
C SER A 62 -7.72 -32.08 -10.16
N LEU A 63 -8.85 -32.76 -10.35
CA LEU A 63 -9.23 -33.91 -9.53
C LEU A 63 -9.34 -35.18 -10.36
N LYS A 64 -9.30 -35.04 -11.67
CA LYS A 64 -9.42 -36.19 -12.55
C LYS A 64 -8.43 -37.25 -12.09
N GLY A 65 -8.93 -38.47 -11.89
CA GLY A 65 -8.11 -39.56 -11.39
C GLY A 65 -8.53 -40.03 -10.02
N ARG A 66 -9.08 -39.15 -9.20
CA ARG A 66 -9.47 -39.56 -7.85
C ARG A 66 -10.88 -39.11 -7.44
N VAL A 67 -11.67 -38.63 -8.40
CA VAL A 67 -13.06 -38.28 -8.13
C VAL A 67 -14.01 -39.14 -8.98
N SER A 68 -15.17 -39.45 -8.41
CA SER A 68 -16.17 -40.20 -9.13
C SER A 68 -17.56 -39.72 -8.71
N ILE A 69 -18.43 -39.55 -9.70
CA ILE A 69 -19.82 -39.16 -9.47
C ILE A 69 -20.74 -40.18 -10.16
N SER A 70 -21.82 -40.54 -9.46
CA SER A 70 -22.83 -41.47 -9.96
C SER A 70 -24.23 -40.93 -9.70
N VAL A 71 -25.21 -41.46 -10.43
CA VAL A 71 -26.59 -41.00 -10.26
C VAL A 71 -27.58 -42.16 -10.27
N ASP A 72 -28.62 -42.04 -9.46
CA ASP A 72 -29.73 -42.97 -9.46
C ASP A 72 -30.94 -42.19 -9.90
N THR A 73 -31.39 -42.43 -11.13
CA THR A 73 -32.41 -41.59 -11.73
C THR A 73 -33.83 -41.92 -11.23
N SER A 74 -34.00 -43.01 -10.50
CA SER A 74 -35.30 -43.33 -9.90
C SER A 74 -35.37 -42.91 -8.43
N GLU A 75 -34.26 -42.99 -7.73
CA GLU A 75 -34.19 -42.58 -6.32
C GLU A 75 -33.94 -41.08 -6.24
N ASP A 76 -33.73 -40.44 -7.39
CA ASP A 76 -33.39 -39.01 -7.44
C ASP A 76 -32.27 -38.65 -6.48
N GLN A 77 -31.14 -39.30 -6.68
CA GLN A 77 -29.98 -39.07 -5.85
C GLN A 77 -28.72 -39.15 -6.68
N PHE A 78 -27.72 -38.36 -6.32
CA PHE A 78 -26.40 -38.53 -6.90
C PHE A 78 -25.31 -38.43 -5.83
N SER A 79 -24.14 -38.96 -6.18
CA SER A 79 -23.07 -39.18 -5.21
C SER A 79 -21.79 -38.48 -5.62
N LEU A 80 -20.95 -38.20 -4.61
CA LEU A 80 -19.58 -37.75 -4.83
C LEU A 80 -18.67 -38.64 -4.01
N ARG A 81 -17.66 -39.21 -4.66
CA ARG A 81 -16.62 -39.93 -3.94
C ARG A 81 -15.27 -39.38 -4.35
N LEU A 82 -14.45 -39.09 -3.35
CA LEU A 82 -13.16 -38.48 -3.56
C LEU A 82 -12.14 -39.30 -2.78
N ARG A 83 -11.23 -39.93 -3.50
CA ARG A 83 -10.28 -40.87 -2.89
C ARG A 83 -9.05 -40.14 -2.33
N SER A 84 -8.43 -40.76 -1.33
CA SER A 84 -7.13 -40.33 -0.82
C SER A 84 -7.14 -38.89 -0.36
N VAL A 85 -8.11 -38.55 0.47
CA VAL A 85 -8.25 -37.17 0.90
C VAL A 85 -7.12 -36.79 1.84
N THR A 86 -6.73 -35.53 1.76
CA THR A 86 -5.79 -34.95 2.71
C THR A 86 -6.45 -33.74 3.37
N ALA A 87 -5.74 -33.10 4.28
CA ALA A 87 -6.26 -31.93 4.97
C ALA A 87 -6.72 -30.89 3.96
N ALA A 88 -6.08 -30.84 2.81
CA ALA A 88 -6.41 -29.85 1.79
C ALA A 88 -7.82 -30.03 1.23
N ASP A 89 -8.42 -31.20 1.46
CA ASP A 89 -9.77 -31.48 0.96
C ASP A 89 -10.83 -31.08 1.98
N THR A 90 -10.40 -30.52 3.11
CA THR A 90 -11.33 -29.93 4.05
C THR A 90 -12.00 -28.75 3.38
N ALA A 91 -13.33 -28.76 3.38
CA ALA A 91 -14.11 -27.73 2.70
C ALA A 91 -15.58 -27.92 3.01
N VAL A 92 -16.38 -26.93 2.61
CA VAL A 92 -17.83 -27.07 2.57
C VAL A 92 -18.17 -27.54 1.17
N TYR A 93 -18.79 -28.71 1.07
CA TYR A 93 -19.16 -29.29 -0.21
C TYR A 93 -20.60 -28.96 -0.54
N PHE A 94 -20.83 -28.53 -1.77
CA PHE A 94 -22.15 -28.17 -2.25
C PHE A 94 -22.57 -29.04 -3.42
N CYS A 95 -23.86 -29.39 -3.47
CA CYS A 95 -24.45 -29.84 -4.72
C CYS A 95 -25.28 -28.71 -5.34
N ALA A 96 -25.43 -28.74 -6.65
CA ALA A 96 -26.17 -27.74 -7.39
C ALA A 96 -26.52 -28.31 -8.73
N SER A 97 -27.19 -27.52 -9.56
CA SER A 97 -27.56 -28.00 -10.87
C SER A 97 -27.32 -26.96 -11.96
N LEU A 98 -27.09 -27.46 -13.17
CA LEU A 98 -26.91 -26.64 -14.36
C LEU A 98 -27.85 -27.16 -15.44
N PRO A 99 -28.43 -26.26 -16.23
CA PRO A 99 -29.25 -26.75 -17.34
C PRO A 99 -28.37 -27.37 -18.42
N ARG A 100 -28.85 -28.47 -19.00
CA ARG A 100 -28.12 -29.09 -20.10
C ARG A 100 -27.99 -28.09 -21.24
N GLY A 101 -26.84 -28.08 -21.89
CA GLY A 101 -26.60 -27.20 -23.02
C GLY A 101 -25.26 -26.52 -22.91
N GLN A 102 -25.09 -25.47 -23.71
CA GLN A 102 -23.87 -24.67 -23.72
C GLN A 102 -23.67 -24.02 -22.34
N LEU A 103 -22.43 -24.00 -21.84
CA LEU A 103 -22.17 -23.55 -20.48
C LEU A 103 -21.52 -22.16 -20.37
N VAL A 104 -21.18 -21.56 -21.50
CA VAL A 104 -20.41 -20.32 -21.45
C VAL A 104 -21.12 -19.23 -20.63
N ASN A 105 -22.44 -19.20 -20.70
CA ASN A 105 -23.22 -18.22 -19.94
C ASN A 105 -24.02 -18.82 -18.79
N ALA A 106 -23.80 -20.10 -18.50
CA ALA A 106 -24.65 -20.81 -17.55
C ALA A 106 -24.27 -20.52 -16.11
N TYR A 107 -25.26 -20.57 -15.22
CA TYR A 107 -25.02 -20.43 -13.80
C TYR A 107 -25.65 -21.57 -13.03
N PHE A 108 -25.08 -21.88 -11.88
CA PHE A 108 -25.59 -22.94 -11.03
C PHE A 108 -26.86 -22.54 -10.29
N ARG A 109 -27.81 -23.48 -10.24
CA ARG A 109 -29.09 -23.23 -9.56
C ARG A 109 -29.37 -24.30 -8.50
N ASN A 110 -30.34 -24.03 -7.65
CA ASN A 110 -30.86 -25.02 -6.72
C ASN A 110 -29.77 -25.58 -5.82
N TRP A 111 -28.86 -24.71 -5.38
CA TRP A 111 -27.78 -25.13 -4.51
C TRP A 111 -28.30 -25.72 -3.21
N GLY A 112 -27.61 -26.75 -2.74
CA GLY A 112 -27.82 -27.25 -1.40
C GLY A 112 -27.21 -26.31 -0.39
N ARG A 113 -27.49 -26.55 0.88
CA ARG A 113 -27.02 -25.69 1.97
C ARG A 113 -25.55 -25.88 2.30
N GLY A 114 -24.95 -26.95 1.80
CA GLY A 114 -23.55 -27.20 2.06
C GLY A 114 -23.32 -28.10 3.26
N SER A 115 -22.28 -28.93 3.16
CA SER A 115 -21.92 -29.82 4.24
C SER A 115 -20.42 -29.73 4.47
N LEU A 116 -20.04 -29.34 5.67
CA LEU A 116 -18.64 -29.23 6.02
C LEU A 116 -18.06 -30.61 6.17
N VAL A 117 -17.01 -30.90 5.41
CA VAL A 117 -16.28 -32.13 5.58
C VAL A 117 -14.86 -31.81 6.04
N SER A 118 -14.53 -32.27 7.23
CA SER A 118 -13.23 -32.03 7.81
C SER A 118 -12.39 -33.28 7.68
N VAL A 119 -11.24 -33.15 7.03
CA VAL A 119 -10.32 -34.27 6.89
C VAL A 119 -9.31 -34.19 8.04
N THR A 120 -9.28 -35.22 8.87
CA THR A 120 -8.55 -35.14 10.12
C THR A 120 -7.45 -36.19 10.22
N ALA A 121 -6.37 -35.83 10.89
CA ALA A 121 -5.32 -36.79 11.16
C ALA A 121 -5.80 -37.68 12.29
N ALA A 122 -4.96 -38.59 12.74
CA ALA A 122 -5.41 -39.58 13.72
C ALA A 122 -4.51 -39.61 14.96
N SER A 123 -3.21 -39.45 14.75
CA SER A 123 -2.27 -39.67 15.85
C SER A 123 -1.85 -38.38 16.54
N THR A 124 -1.74 -38.47 17.86
CA THR A 124 -1.31 -37.36 18.70
C THR A 124 0.14 -37.00 18.42
N LYS A 125 0.42 -35.69 18.41
CA LYS A 125 1.77 -35.19 18.21
C LYS A 125 1.94 -33.87 18.96
N GLY A 126 2.94 -33.80 19.83
CA GLY A 126 3.21 -32.60 20.59
C GLY A 126 3.92 -31.56 19.73
N PRO A 127 3.84 -30.29 20.11
CA PRO A 127 4.43 -29.22 19.29
C PRO A 127 5.90 -29.01 19.50
N SER A 128 6.53 -28.44 18.49
CA SER A 128 7.81 -27.77 18.67
C SER A 128 7.53 -26.28 18.91
N VAL A 129 8.35 -25.64 19.73
CA VAL A 129 8.14 -24.24 20.08
C VAL A 129 9.38 -23.43 19.72
N PHE A 130 9.19 -22.47 18.81
CA PHE A 130 10.30 -21.66 18.33
C PHE A 130 10.07 -20.21 18.73
N PRO A 131 11.14 -19.52 19.08
CA PRO A 131 11.00 -18.11 19.48
C PRO A 131 10.78 -17.23 18.25
N LEU A 132 9.99 -16.18 18.42
CA LEU A 132 9.86 -15.16 17.37
C LEU A 132 10.49 -13.91 17.96
N ALA A 133 11.76 -13.70 17.65
CA ALA A 133 12.56 -12.71 18.35
C ALA A 133 12.26 -11.30 17.86
N PRO A 134 12.23 -10.34 18.78
CA PRO A 134 12.06 -8.95 18.40
C PRO A 134 13.39 -8.38 17.97
N SER A 135 13.40 -7.26 17.26
CA SER A 135 14.65 -6.57 17.02
C SER A 135 15.16 -6.00 18.33
N SER A 136 16.47 -5.83 18.43
CA SER A 136 17.07 -5.09 19.53
C SER A 136 17.14 -3.60 19.17
N LYS A 137 16.45 -3.20 18.11
CA LYS A 137 16.52 -1.82 17.64
C LYS A 137 15.69 -0.93 18.54
N SER A 138 16.10 0.32 18.65
CA SER A 138 15.52 1.26 19.58
C SER A 138 14.58 2.22 18.88
N THR A 139 13.34 2.21 19.34
CA THR A 139 12.33 3.14 18.91
C THR A 139 12.24 4.13 20.03
N SER A 140 12.12 5.41 19.72
CA SER A 140 11.94 6.40 20.77
C SER A 140 10.48 6.36 21.20
N GLY A 141 10.19 5.60 22.25
CA GLY A 141 8.85 5.51 22.79
C GLY A 141 7.99 4.47 22.09
N GLY A 142 8.59 3.60 21.30
CA GLY A 142 7.83 2.67 20.48
C GLY A 142 7.70 1.29 21.08
N THR A 143 7.13 0.37 20.31
CA THR A 143 6.87 -0.98 20.77
C THR A 143 7.67 -1.99 19.96
N ALA A 144 7.81 -3.19 20.50
CA ALA A 144 8.40 -4.29 19.75
C ALA A 144 7.46 -5.48 19.89
N ALA A 145 7.38 -6.30 18.86
CA ALA A 145 6.60 -7.53 18.97
C ALA A 145 7.55 -8.70 19.10
N LEU A 146 7.22 -9.61 20.00
CA LEU A 146 7.96 -10.86 20.14
C LEU A 146 6.95 -11.95 20.44
N GLY A 147 7.30 -13.18 20.12
CA GLY A 147 6.30 -14.22 20.22
C GLY A 147 6.89 -15.60 20.26
N CYS A 148 6.00 -16.57 20.17
CA CYS A 148 6.38 -17.96 20.10
C CYS A 148 5.56 -18.61 19.02
N LEU A 149 6.24 -19.40 18.20
CA LEU A 149 5.60 -20.18 17.16
C LEU A 149 5.44 -21.60 17.71
N VAL A 150 4.21 -22.05 17.79
CA VAL A 150 3.88 -23.38 18.27
C VAL A 150 3.56 -24.24 17.05
N LYS A 151 4.52 -25.05 16.64
CA LYS A 151 4.46 -25.68 15.33
C LYS A 151 4.21 -27.19 15.37
N ASP A 152 3.33 -27.63 14.47
CA ASP A 152 3.13 -29.04 14.13
C ASP A 152 2.64 -29.91 15.28
N TYR A 153 1.43 -29.65 15.75
CA TYR A 153 0.80 -30.47 16.78
C TYR A 153 -0.57 -30.98 16.36
N PHE A 154 -1.04 -32.00 17.05
CA PHE A 154 -2.35 -32.57 16.82
C PHE A 154 -2.72 -33.37 18.03
N PRO A 155 -4.00 -33.34 18.44
CA PRO A 155 -5.08 -32.49 17.94
C PRO A 155 -5.03 -31.11 18.60
N GLU A 156 -6.00 -30.27 18.31
CA GLU A 156 -6.20 -29.05 19.09
C GLU A 156 -6.74 -29.47 20.46
N PRO A 157 -6.64 -28.58 21.46
CA PRO A 157 -6.06 -27.24 21.41
C PRO A 157 -4.69 -27.15 22.07
N VAL A 158 -4.05 -26.01 21.85
CA VAL A 158 -2.87 -25.59 22.62
C VAL A 158 -3.25 -24.30 23.35
N THR A 159 -2.82 -24.16 24.59
CA THR A 159 -2.95 -22.89 25.30
C THR A 159 -1.58 -22.25 25.46
N VAL A 160 -1.54 -20.94 25.48
CA VAL A 160 -0.29 -20.22 25.66
C VAL A 160 -0.46 -19.12 26.70
N SER A 161 0.49 -19.04 27.63
CA SER A 161 0.54 -17.90 28.53
C SER A 161 1.94 -17.29 28.46
N TRP A 162 2.10 -16.14 29.09
CA TRP A 162 3.40 -15.47 29.14
C TRP A 162 3.77 -15.19 30.58
N ASN A 163 5.03 -15.49 30.92
CA ASN A 163 5.53 -15.31 32.27
C ASN A 163 4.57 -15.92 33.29
N SER A 164 4.10 -17.12 32.95
CA SER A 164 3.24 -17.90 33.82
C SER A 164 1.98 -17.15 34.23
N GLY A 165 1.49 -16.29 33.34
CA GLY A 165 0.21 -15.64 33.55
C GLY A 165 0.36 -14.21 34.06
N ALA A 166 1.58 -13.85 34.44
CA ALA A 166 1.84 -12.53 35.02
C ALA A 166 1.82 -11.43 33.95
N LEU A 167 2.00 -11.83 32.70
CA LEU A 167 1.96 -10.89 31.59
C LEU A 167 0.71 -11.15 30.75
N THR A 168 -0.22 -10.19 30.74
CA THR A 168 -1.46 -10.38 30.02
C THR A 168 -1.74 -9.25 29.04
N SER A 169 -1.32 -8.03 29.39
CA SER A 169 -1.56 -6.90 28.51
C SER A 169 -0.63 -6.98 27.31
N GLY A 170 -1.21 -6.78 26.13
CA GLY A 170 -0.44 -6.79 24.90
C GLY A 170 -0.30 -8.19 24.34
N VAL A 171 -0.86 -9.18 25.01
CA VAL A 171 -0.77 -10.57 24.57
C VAL A 171 -1.90 -10.88 23.60
N HIS A 172 -1.53 -11.49 22.47
CA HIS A 172 -2.51 -11.93 21.50
CA HIS A 172 -2.51 -11.92 21.49
C HIS A 172 -2.09 -13.28 20.94
N THR A 173 -2.88 -14.30 21.23
CA THR A 173 -2.65 -15.64 20.71
C THR A 173 -3.64 -15.83 19.58
N PHE A 174 -3.12 -16.21 18.42
CA PHE A 174 -3.88 -16.28 17.19
C PHE A 174 -4.44 -17.69 17.02
N PRO A 175 -5.61 -17.79 16.38
CA PRO A 175 -6.14 -19.13 16.06
C PRO A 175 -5.17 -19.91 15.17
N ALA A 176 -5.26 -21.23 15.25
CA ALA A 176 -4.34 -22.12 14.53
C ALA A 176 -4.64 -22.24 13.05
N VAL A 177 -3.59 -22.52 12.29
CA VAL A 177 -3.74 -22.95 10.90
C VAL A 177 -3.56 -24.46 10.84
N LEU A 178 -4.15 -25.07 9.82
CA LEU A 178 -3.99 -26.48 9.57
C LEU A 178 -3.15 -26.63 8.32
N GLN A 179 -2.02 -27.33 8.46
CA GLN A 179 -1.14 -27.61 7.33
C GLN A 179 -1.65 -28.80 6.51
N SER A 180 -1.07 -28.96 5.31
CA SER A 180 -1.44 -30.04 4.42
C SER A 180 -1.24 -31.40 5.10
N SER A 181 -0.30 -31.43 6.04
CA SER A 181 0.05 -32.64 6.77
C SER A 181 -1.02 -33.06 7.77
N GLY A 182 -1.96 -32.16 8.05
CA GLY A 182 -2.99 -32.43 9.04
C GLY A 182 -2.58 -32.00 10.43
N LEU A 183 -1.42 -31.34 10.54
CA LEU A 183 -0.95 -30.83 11.81
C LEU A 183 -1.25 -29.34 11.92
N TYR A 184 -1.47 -28.90 13.15
CA TYR A 184 -1.77 -27.51 13.42
C TYR A 184 -0.51 -26.73 13.82
N SER A 185 -0.56 -25.42 13.59
CA SER A 185 0.43 -24.51 14.18
C SER A 185 -0.29 -23.22 14.58
N LEU A 186 0.22 -22.55 15.61
CA LEU A 186 -0.28 -21.24 15.96
C LEU A 186 0.85 -20.37 16.50
N SER A 187 0.58 -19.08 16.66
CA SER A 187 1.55 -18.17 17.22
C SER A 187 0.91 -17.35 18.31
N SER A 188 1.73 -17.03 19.31
CA SER A 188 1.32 -16.07 20.33
C SER A 188 2.33 -14.93 20.33
N VAL A 189 1.84 -13.71 20.28
CA VAL A 189 2.73 -12.56 20.24
C VAL A 189 2.36 -11.57 21.33
N VAL A 190 3.37 -10.94 21.92
CA VAL A 190 3.11 -9.91 22.90
C VAL A 190 3.77 -8.62 22.43
N THR A 191 3.05 -7.51 22.58
CA THR A 191 3.60 -6.23 22.21
C THR A 191 4.06 -5.57 23.50
N VAL A 192 5.34 -5.23 23.54
CA VAL A 192 5.94 -4.66 24.74
C VAL A 192 6.64 -3.35 24.42
N PRO A 193 6.88 -2.54 25.44
CA PRO A 193 7.66 -1.34 25.18
C PRO A 193 9.07 -1.74 24.75
N SER A 194 9.57 -1.12 23.69
CA SER A 194 10.87 -1.47 23.15
C SER A 194 12.00 -1.23 24.15
N SER A 195 11.76 -0.39 25.15
CA SER A 195 12.76 -0.12 26.18
C SER A 195 12.84 -1.24 27.22
N SER A 196 11.81 -2.09 27.29
CA SER A 196 11.77 -3.16 28.28
C SER A 196 12.62 -4.35 27.85
N LEU A 197 12.99 -4.39 26.57
CA LEU A 197 13.83 -5.46 26.07
C LEU A 197 15.18 -5.37 26.79
N GLY A 198 15.74 -6.51 27.15
CA GLY A 198 17.00 -6.51 27.89
C GLY A 198 16.83 -6.26 29.38
N THR A 199 15.67 -5.71 29.77
CA THR A 199 15.33 -5.57 31.19
C THR A 199 14.39 -6.67 31.64
N GLN A 200 13.24 -6.76 30.98
CA GLN A 200 12.22 -7.72 31.35
C GLN A 200 12.40 -9.02 30.58
N THR A 201 12.24 -10.13 31.27
CA THR A 201 12.38 -11.43 30.64
C THR A 201 11.00 -11.85 30.16
N TYR A 202 10.96 -12.45 28.99
CA TYR A 202 9.72 -12.90 28.38
C TYR A 202 9.82 -14.37 28.06
N ILE A 203 8.95 -15.15 28.68
CA ILE A 203 8.94 -16.60 28.49
C ILE A 203 7.56 -17.00 28.06
N CYS A 204 7.45 -17.75 26.99
CA CYS A 204 6.14 -18.25 26.63
C CYS A 204 5.99 -19.65 27.23
N ASN A 205 4.79 -19.91 27.75
CA ASN A 205 4.45 -21.18 28.37
C ASN A 205 3.37 -21.82 27.54
N VAL A 206 3.72 -22.94 26.91
CA VAL A 206 2.86 -23.60 25.96
C VAL A 206 2.39 -24.94 26.53
N ASN A 207 1.08 -25.14 26.60
CA ASN A 207 0.53 -26.43 27.02
C ASN A 207 -0.23 -27.13 25.92
N HIS A 208 0.10 -28.40 25.71
CA HIS A 208 -0.63 -29.24 24.79
C HIS A 208 -1.11 -30.47 25.56
N LYS A 209 -2.30 -30.36 26.14
CA LYS A 209 -2.85 -31.40 27.00
C LYS A 209 -2.95 -32.76 26.31
N PRO A 210 -3.36 -32.79 25.03
CA PRO A 210 -3.52 -34.10 24.38
C PRO A 210 -2.24 -34.95 24.35
N SER A 211 -1.08 -34.31 24.32
CA SER A 211 0.18 -35.05 24.35
C SER A 211 0.88 -34.95 25.71
N ASN A 212 0.19 -34.37 26.69
CA ASN A 212 0.77 -34.16 28.02
C ASN A 212 2.15 -33.52 27.95
N THR A 213 2.24 -32.46 27.15
CA THR A 213 3.48 -31.71 26.95
C THR A 213 3.30 -30.24 27.38
N LYS A 214 4.27 -29.74 28.12
CA LYS A 214 4.38 -28.31 28.39
C LYS A 214 5.79 -27.88 27.98
N VAL A 215 5.89 -26.73 27.33
CA VAL A 215 7.18 -26.16 26.97
C VAL A 215 7.25 -24.71 27.45
N ASP A 216 8.36 -24.35 28.07
CA ASP A 216 8.67 -22.95 28.37
C ASP A 216 9.84 -22.54 27.51
N LYS A 217 9.70 -21.42 26.79
CA LYS A 217 10.76 -20.92 25.94
C LYS A 217 10.98 -19.43 26.21
N LYS A 218 12.19 -19.06 26.63
CA LYS A 218 12.55 -17.65 26.76
C LYS A 218 12.74 -17.08 25.36
N VAL A 219 12.20 -15.89 25.14
CA VAL A 219 12.36 -15.22 23.86
C VAL A 219 13.21 -13.97 24.04
N GLU A 220 14.40 -14.03 23.47
CA GLU A 220 15.38 -12.96 23.55
C GLU A 220 15.56 -12.23 22.22
N PRO A 221 16.04 -10.97 22.28
CA PRO A 221 16.36 -10.17 21.08
C PRO A 221 17.36 -10.85 20.14
N LYS A 222 17.18 -10.65 18.85
CA LYS A 222 18.07 -11.20 17.82
C LYS A 222 19.52 -10.76 18.08
N SER A 223 20.43 -11.73 18.11
CA SER A 223 21.81 -11.50 18.53
C SER A 223 22.62 -10.75 17.46
N TYR B 1 -6.06 -21.01 -10.56
CA TYR B 1 -6.43 -19.72 -11.15
C TYR B 1 -7.75 -19.23 -10.58
N GLU B 2 -7.75 -18.01 -10.06
CA GLU B 2 -8.99 -17.36 -9.63
C GLU B 2 -9.10 -15.98 -10.24
N LEU B 3 -10.33 -15.54 -10.45
CA LEU B 3 -10.59 -14.17 -10.84
C LEU B 3 -10.31 -13.31 -9.61
N THR B 4 -9.79 -12.12 -9.83
CA THR B 4 -9.41 -11.26 -8.73
C THR B 4 -10.56 -10.39 -8.25
N GLN B 5 -10.89 -10.52 -6.98
CA GLN B 5 -11.85 -9.67 -6.33
C GLN B 5 -11.22 -9.04 -5.09
N PRO B 6 -11.69 -7.85 -4.72
CA PRO B 6 -11.26 -7.26 -3.44
C PRO B 6 -11.78 -8.10 -2.30
N PRO B 7 -10.99 -8.29 -1.25
CA PRO B 7 -11.50 -9.13 -0.18
C PRO B 7 -12.68 -8.51 0.56
N SER B 8 -12.73 -7.18 0.61
CA SER B 8 -13.70 -6.48 1.44
C SER B 8 -14.26 -5.26 0.70
N VAL B 9 -15.58 -5.14 0.70
CA VAL B 9 -16.22 -3.90 0.25
C VAL B 9 -17.22 -3.54 1.34
N SER B 10 -17.19 -2.30 1.81
CA SER B 10 -18.09 -1.94 2.88
C SER B 10 -18.56 -0.52 2.69
N VAL B 11 -19.73 -0.25 3.25
CA VAL B 11 -20.40 1.01 3.04
C VAL B 11 -21.08 1.41 4.34
N SER B 12 -21.31 2.71 4.48
CA SER B 12 -22.12 3.20 5.59
C SER B 12 -23.57 2.88 5.30
N PRO B 13 -24.40 2.84 6.35
CA PRO B 13 -25.82 2.62 6.07
C PRO B 13 -26.32 3.64 5.07
N GLY B 14 -26.97 3.18 4.00
CA GLY B 14 -27.50 4.06 3.00
C GLY B 14 -26.71 4.12 1.70
N GLN B 15 -25.46 3.67 1.74
CA GLN B 15 -24.56 3.82 0.58
C GLN B 15 -24.62 2.62 -0.36
N THR B 16 -24.06 2.80 -1.55
CA THR B 16 -24.02 1.77 -2.59
C THR B 16 -22.69 1.03 -2.62
N ALA B 17 -22.76 -0.30 -2.71
CA ALA B 17 -21.56 -1.13 -2.76
C ALA B 17 -21.21 -1.49 -4.20
N THR B 18 -19.93 -1.40 -4.53
CA THR B 18 -19.44 -1.77 -5.84
C THR B 18 -18.33 -2.82 -5.71
N ILE B 19 -18.53 -3.98 -6.32
CA ILE B 19 -17.60 -5.10 -6.21
C ILE B 19 -17.06 -5.44 -7.58
N THR B 20 -15.74 -5.55 -7.71
CA THR B 20 -15.13 -5.80 -9.01
C THR B 20 -14.64 -7.22 -9.11
N CYS B 21 -14.57 -7.70 -10.35
CA CYS B 21 -14.13 -9.05 -10.68
C CYS B 21 -13.28 -8.94 -11.94
N SER B 22 -11.97 -9.10 -11.79
CA SER B 22 -11.03 -8.89 -12.88
C SER B 22 -10.48 -10.19 -13.46
N GLY B 23 -10.14 -10.15 -14.75
CA GLY B 23 -9.55 -11.28 -15.45
C GLY B 23 -10.53 -12.17 -16.21
N ALA B 24 -11.75 -11.67 -16.45
CA ALA B 24 -12.81 -12.45 -17.08
C ALA B 24 -12.95 -12.15 -18.56
N SER B 25 -12.67 -13.14 -19.41
CA SER B 25 -12.69 -12.93 -20.86
C SER B 25 -14.10 -13.06 -21.44
N THR B 26 -14.96 -13.82 -20.77
CA THR B 26 -16.33 -14.00 -21.24
C THR B 26 -17.31 -13.52 -20.16
N ASN B 27 -18.60 -13.75 -20.36
CA ASN B 27 -19.59 -13.21 -19.46
C ASN B 27 -19.53 -13.76 -18.04
N VAL B 28 -19.92 -12.93 -17.08
CA VAL B 28 -19.76 -13.22 -15.67
C VAL B 28 -21.11 -13.34 -14.95
N CYS B 29 -21.19 -14.26 -14.01
CA CYS B 29 -22.31 -14.29 -13.08
C CYS B 29 -21.78 -14.17 -11.64
N TRP B 30 -22.71 -13.90 -10.72
CA TRP B 30 -22.37 -13.56 -9.36
C TRP B 30 -23.27 -14.32 -8.41
N TYR B 31 -22.67 -14.91 -7.39
CA TYR B 31 -23.39 -15.65 -6.36
C TYR B 31 -23.29 -14.96 -5.01
N GLN B 32 -24.42 -14.89 -4.30
CA GLN B 32 -24.44 -14.46 -2.92
C GLN B 32 -24.29 -15.68 -2.01
N VAL B 33 -23.27 -15.65 -1.16
CA VAL B 33 -23.01 -16.77 -0.26
C VAL B 33 -23.04 -16.29 1.20
N LYS B 34 -23.93 -16.90 1.98
CA LYS B 34 -24.00 -16.66 3.42
C LYS B 34 -23.75 -17.96 4.19
N PRO B 35 -23.16 -17.84 5.39
CA PRO B 35 -22.91 -19.02 6.22
C PRO B 35 -24.13 -19.88 6.47
N GLY B 36 -24.05 -21.15 6.08
CA GLY B 36 -25.09 -22.12 6.38
C GLY B 36 -26.32 -22.03 5.48
N GLN B 37 -26.25 -21.20 4.45
CA GLN B 37 -27.40 -21.04 3.55
C GLN B 37 -27.02 -21.43 2.12
N SER B 38 -28.02 -21.81 1.33
CA SER B 38 -27.78 -22.15 -0.07
C SER B 38 -27.33 -20.90 -0.81
N PRO B 39 -26.19 -20.97 -1.50
CA PRO B 39 -25.82 -19.86 -2.39
C PRO B 39 -26.93 -19.59 -3.41
N GLU B 40 -27.00 -18.37 -3.92
CA GLU B 40 -27.93 -18.06 -4.99
C GLU B 40 -27.33 -17.02 -5.93
N VAL B 41 -27.59 -17.20 -7.21
CA VAL B 41 -27.15 -16.25 -8.21
C VAL B 41 -27.96 -14.96 -8.04
N VAL B 42 -27.29 -13.81 -8.17
CA VAL B 42 -27.97 -12.51 -8.12
C VAL B 42 -27.91 -11.76 -9.46
N ILE B 43 -26.89 -12.07 -10.27
CA ILE B 43 -26.71 -11.45 -11.57
C ILE B 43 -26.06 -12.46 -12.51
N PHE B 44 -26.54 -12.56 -13.74
CA PHE B 44 -25.90 -13.42 -14.75
C PHE B 44 -25.76 -12.66 -16.06
N GLU B 45 -24.94 -13.20 -16.96
CA GLU B 45 -24.64 -12.51 -18.22
C GLU B 45 -24.36 -11.02 -17.97
N ASN B 46 -23.50 -10.77 -16.98
CA ASN B 46 -22.95 -9.47 -16.66
C ASN B 46 -23.89 -8.52 -15.91
N TYR B 47 -25.14 -8.44 -16.33
CA TYR B 47 -26.07 -7.48 -15.73
C TYR B 47 -27.52 -7.93 -15.65
N LYS B 48 -27.80 -9.17 -16.04
CA LYS B 48 -29.18 -9.62 -16.09
C LYS B 48 -29.61 -10.20 -14.75
N ARG B 49 -30.81 -9.83 -14.29
CA ARG B 49 -31.31 -10.26 -13.00
C ARG B 49 -32.26 -11.44 -13.12
N PRO B 50 -32.02 -12.50 -12.36
CA PRO B 50 -33.04 -13.55 -12.30
C PRO B 50 -34.26 -13.10 -11.53
N SER B 51 -35.38 -13.79 -11.74
CA SER B 51 -36.61 -13.43 -11.04
C SER B 51 -36.42 -13.64 -9.54
N GLY B 52 -36.96 -12.71 -8.75
CA GLY B 52 -36.90 -12.82 -7.31
C GLY B 52 -35.76 -12.03 -6.68
N ILE B 53 -34.85 -11.54 -7.50
CA ILE B 53 -33.75 -10.72 -7.01
C ILE B 53 -34.14 -9.25 -7.08
N PRO B 54 -33.97 -8.53 -5.97
CA PRO B 54 -34.42 -7.14 -5.94
C PRO B 54 -33.69 -6.20 -6.90
N ASP B 55 -34.40 -5.15 -7.30
CA ASP B 55 -33.95 -4.18 -8.29
C ASP B 55 -32.62 -3.54 -7.96
N ARG B 56 -32.28 -3.48 -6.67
CA ARG B 56 -31.07 -2.80 -6.25
C ARG B 56 -29.79 -3.53 -6.68
N PHE B 57 -29.90 -4.79 -7.09
CA PHE B 57 -28.74 -5.50 -7.65
C PHE B 57 -28.63 -5.23 -9.14
N SER B 58 -27.47 -4.72 -9.58
CA SER B 58 -27.22 -4.56 -11.01
C SER B 58 -25.78 -4.91 -11.36
N GLY B 59 -25.47 -4.90 -12.63
CA GLY B 59 -24.14 -5.28 -13.06
C GLY B 59 -23.65 -4.55 -14.30
N SER B 60 -22.34 -4.66 -14.55
CA SER B 60 -21.72 -4.09 -15.73
C SER B 60 -20.42 -4.81 -16.04
N LYS B 61 -20.02 -4.85 -17.30
CA LYS B 61 -18.72 -5.40 -17.67
C LYS B 61 -18.07 -4.57 -18.76
N SER B 62 -16.77 -4.33 -18.62
CA SER B 62 -16.01 -3.57 -19.60
C SER B 62 -14.64 -4.21 -19.71
N GLY B 63 -14.30 -4.63 -20.93
CA GLY B 63 -13.12 -5.45 -21.12
C GLY B 63 -13.21 -6.66 -20.24
N SER B 64 -12.14 -6.91 -19.48
CA SER B 64 -12.08 -8.14 -18.70
C SER B 64 -12.51 -7.94 -17.25
N THR B 65 -13.09 -6.78 -16.93
CA THR B 65 -13.49 -6.48 -15.55
C THR B 65 -15.00 -6.32 -15.41
N ALA B 66 -15.60 -7.18 -14.58
CA ALA B 66 -17.02 -7.10 -14.28
C ALA B 66 -17.23 -6.43 -12.94
N THR B 67 -18.37 -5.74 -12.78
CA THR B 67 -18.73 -5.10 -11.53
C THR B 67 -20.14 -5.49 -11.09
N LEU B 68 -20.29 -5.76 -9.79
CA LEU B 68 -21.60 -5.95 -9.19
C LEU B 68 -21.91 -4.73 -8.34
N THR B 69 -23.08 -4.13 -8.51
CA THR B 69 -23.49 -2.98 -7.72
C THR B 69 -24.74 -3.29 -6.91
N ILE B 70 -24.72 -2.92 -5.64
CA ILE B 70 -25.86 -3.07 -4.75
C ILE B 70 -26.22 -1.70 -4.20
N ARG B 71 -27.28 -1.11 -4.74
CA ARG B 71 -27.72 0.22 -4.34
C ARG B 71 -28.43 0.18 -2.99
N GLY B 72 -28.19 1.19 -2.16
CA GLY B 72 -28.79 1.24 -0.83
C GLY B 72 -28.65 -0.09 -0.12
N THR B 73 -27.41 -0.54 0.02
CA THR B 73 -27.11 -1.85 0.59
C THR B 73 -27.80 -2.04 1.93
N GLN B 74 -28.49 -3.17 2.06
CA GLN B 74 -29.24 -3.46 3.27
C GLN B 74 -28.59 -4.62 4.03
N ALA B 75 -29.02 -4.80 5.27
CA ALA B 75 -28.51 -5.88 6.11
C ALA B 75 -28.61 -7.24 5.43
N ILE B 76 -29.72 -7.47 4.72
CA ILE B 76 -29.96 -8.75 4.04
C ILE B 76 -28.95 -8.99 2.91
N ASP B 77 -28.28 -7.93 2.45
CA ASP B 77 -27.32 -8.04 1.37
C ASP B 77 -25.91 -8.35 1.86
N GLU B 78 -25.71 -8.35 3.17
CA GLU B 78 -24.40 -8.63 3.73
C GLU B 78 -24.09 -10.12 3.55
N ALA B 79 -22.98 -10.38 2.86
CA ALA B 79 -22.64 -11.74 2.44
C ALA B 79 -21.30 -11.73 1.72
N ASP B 80 -20.81 -12.92 1.37
CA ASP B 80 -19.67 -13.01 0.48
C ASP B 80 -20.23 -13.18 -0.92
N TYR B 81 -19.66 -12.45 -1.88
CA TYR B 81 -20.06 -12.53 -3.27
C TYR B 81 -18.94 -13.08 -4.11
N TYR B 82 -19.26 -14.08 -4.93
CA TYR B 82 -18.26 -14.71 -5.79
C TYR B 82 -18.68 -14.55 -7.23
N CYS B 83 -17.76 -14.06 -8.07
CA CYS B 83 -17.99 -14.04 -9.52
C CYS B 83 -17.54 -15.37 -10.12
N GLN B 84 -18.03 -15.64 -11.33
CA GLN B 84 -17.73 -16.88 -12.05
C GLN B 84 -17.70 -16.64 -13.56
N VAL B 85 -16.74 -17.27 -14.23
CA VAL B 85 -16.69 -17.28 -15.67
C VAL B 85 -16.50 -18.72 -16.14
N TRP B 86 -16.95 -19.01 -17.36
CA TRP B 86 -16.67 -20.28 -18.01
C TRP B 86 -15.20 -20.29 -18.48
N ASP B 87 -14.63 -21.48 -18.61
CA ASP B 87 -13.23 -21.61 -19.03
C ASP B 87 -13.13 -22.85 -19.92
N SER B 88 -12.39 -22.74 -21.03
CA SER B 88 -12.24 -23.85 -21.99
C SER B 88 -11.63 -25.11 -21.36
N PHE B 89 -10.73 -24.92 -20.41
CA PHE B 89 -10.01 -26.05 -19.85
C PHE B 89 -10.58 -26.53 -18.52
N SER B 90 -10.95 -25.59 -17.64
CA SER B 90 -11.40 -25.90 -16.28
C SER B 90 -12.92 -25.92 -16.16
N THR B 91 -13.60 -25.56 -17.24
CA THR B 91 -15.06 -25.46 -17.31
C THR B 91 -15.59 -24.24 -16.55
N PHE B 92 -15.29 -24.14 -15.25
CA PHE B 92 -15.70 -22.96 -14.48
C PHE B 92 -14.55 -22.47 -13.62
N VAL B 93 -14.37 -21.16 -13.62
CA VAL B 93 -13.40 -20.51 -12.75
C VAL B 93 -14.12 -19.46 -11.91
N PHE B 94 -13.78 -19.38 -10.64
CA PHE B 94 -14.45 -18.45 -9.73
C PHE B 94 -13.50 -17.40 -9.19
N GLY B 95 -14.07 -16.28 -8.75
CA GLY B 95 -13.31 -15.25 -8.09
C GLY B 95 -12.96 -15.64 -6.67
N SER B 96 -12.09 -14.85 -6.06
CA SER B 96 -11.61 -15.09 -4.71
C SER B 96 -12.64 -14.72 -3.64
N GLY B 97 -13.67 -13.99 -4.02
CA GLY B 97 -14.75 -13.66 -3.11
C GLY B 97 -14.59 -12.30 -2.45
N THR B 98 -15.70 -11.60 -2.28
CA THR B 98 -15.69 -10.29 -1.64
C THR B 98 -16.74 -10.25 -0.54
N GLN B 99 -16.30 -9.95 0.69
CA GLN B 99 -17.24 -9.80 1.78
C GLN B 99 -17.83 -8.42 1.71
N VAL B 100 -19.16 -8.33 1.69
CA VAL B 100 -19.84 -7.03 1.74
C VAL B 100 -20.37 -6.75 3.13
N THR B 101 -19.99 -5.59 3.67
CA THR B 101 -20.31 -5.25 5.05
C THR B 101 -20.90 -3.86 5.12
N VAL B 102 -21.97 -3.71 5.90
CA VAL B 102 -22.43 -2.38 6.31
C VAL B 102 -21.71 -2.06 7.60
N LEU B 103 -20.97 -0.96 7.60
CA LEU B 103 -20.08 -0.63 8.70
C LEU B 103 -20.84 -0.39 10.01
N ARG B 104 -20.45 -1.12 11.05
CA ARG B 104 -20.99 -0.92 12.40
C ARG B 104 -19.98 -0.16 13.26
N GLN B 105 -18.79 0.07 12.69
CA GLN B 105 -17.74 0.84 13.31
C GLN B 105 -16.82 1.33 12.20
N PRO B 106 -15.90 2.24 12.51
CA PRO B 106 -15.08 2.82 11.44
C PRO B 106 -14.18 1.78 10.76
N LYS B 107 -13.89 1.99 9.48
CA LYS B 107 -12.91 1.17 8.80
C LYS B 107 -11.56 1.31 9.52
N ALA B 108 -10.83 0.20 9.58
CA ALA B 108 -9.52 0.19 10.22
C ALA B 108 -8.60 -0.70 9.38
N ASN B 109 -7.43 -0.19 9.04
CA ASN B 109 -6.50 -0.92 8.21
C ASN B 109 -5.56 -1.74 9.09
N PRO B 110 -5.11 -2.89 8.59
CA PRO B 110 -4.38 -3.84 9.43
C PRO B 110 -2.99 -3.39 9.83
N THR B 111 -2.57 -3.83 11.01
CA THR B 111 -1.18 -3.76 11.41
C THR B 111 -0.57 -5.10 11.04
N VAL B 112 0.61 -5.08 10.42
CA VAL B 112 1.25 -6.32 9.95
C VAL B 112 2.62 -6.48 10.59
N THR B 113 2.85 -7.67 11.14
CA THR B 113 4.11 -7.98 11.78
C THR B 113 4.65 -9.26 11.14
N LEU B 114 5.86 -9.19 10.61
CA LEU B 114 6.45 -10.35 9.90
C LEU B 114 7.75 -10.82 10.57
N PHE B 115 7.78 -12.10 10.94
CA PHE B 115 8.97 -12.69 11.54
C PHE B 115 9.64 -13.65 10.56
N PRO B 116 10.97 -13.59 10.47
CA PRO B 116 11.74 -14.56 9.69
C PRO B 116 11.84 -15.89 10.43
N PRO B 117 12.38 -16.93 9.78
CA PRO B 117 12.64 -18.16 10.52
C PRO B 117 13.63 -17.94 11.65
N SER B 118 13.39 -18.58 12.78
CA SER B 118 14.30 -18.52 13.91
C SER B 118 15.51 -19.40 13.65
N SER B 119 16.63 -19.06 14.26
CA SER B 119 17.82 -19.89 14.17
C SER B 119 17.55 -21.31 14.67
N GLU B 120 16.75 -21.43 15.74
CA GLU B 120 16.40 -22.75 16.26
C GLU B 120 15.67 -23.58 15.20
N GLU B 121 14.73 -22.98 14.49
CA GLU B 121 13.99 -23.73 13.48
C GLU B 121 14.91 -24.17 12.36
N LEU B 122 15.77 -23.26 11.91
CA LEU B 122 16.74 -23.60 10.88
C LEU B 122 17.62 -24.77 11.30
N GLN B 123 17.98 -24.82 12.59
CA GLN B 123 18.78 -25.94 13.12
C GLN B 123 18.01 -27.26 13.08
N ALA B 124 16.68 -27.17 13.04
CA ALA B 124 15.83 -28.35 12.92
C ALA B 124 15.50 -28.62 11.45
N ASN B 125 16.24 -27.98 10.55
CA ASN B 125 16.07 -28.22 9.12
C ASN B 125 14.68 -27.86 8.60
N LYS B 126 14.11 -26.80 9.16
CA LYS B 126 12.84 -26.29 8.69
C LYS B 126 12.90 -24.77 8.66
N ALA B 127 11.93 -24.14 8.02
CA ALA B 127 11.88 -22.69 7.95
C ALA B 127 10.43 -22.25 7.83
N THR B 128 10.00 -21.35 8.69
CA THR B 128 8.64 -20.84 8.64
C THR B 128 8.68 -19.32 8.75
N LEU B 129 8.01 -18.64 7.83
CA LEU B 129 7.80 -17.20 7.95
C LEU B 129 6.43 -16.97 8.58
N VAL B 130 6.35 -16.04 9.53
CA VAL B 130 5.10 -15.84 10.27
C VAL B 130 4.61 -14.40 10.11
N CYS B 131 3.42 -14.25 9.53
CA CYS B 131 2.86 -12.93 9.24
C CYS B 131 1.59 -12.74 10.06
N LEU B 132 1.63 -11.83 11.03
CA LEU B 132 0.50 -11.60 11.91
C LEU B 132 -0.20 -10.32 11.53
N ILE B 133 -1.54 -10.38 11.48
CA ILE B 133 -2.34 -9.31 10.90
C ILE B 133 -3.42 -8.98 11.91
N SER B 134 -3.47 -7.73 12.35
CA SER B 134 -4.41 -7.40 13.42
C SER B 134 -5.04 -6.01 13.31
N ASP B 135 -6.05 -5.80 14.14
CA ASP B 135 -6.70 -4.50 14.27
C ASP B 135 -7.30 -4.01 12.98
N PHE B 136 -7.95 -4.90 12.23
CA PHE B 136 -8.64 -4.44 11.04
C PHE B 136 -10.16 -4.61 11.08
N TYR B 137 -10.83 -3.80 10.28
CA TYR B 137 -12.27 -3.87 10.14
C TYR B 137 -12.64 -3.23 8.81
N PRO B 138 -13.55 -3.86 8.05
CA PRO B 138 -14.19 -5.15 8.36
C PRO B 138 -13.22 -6.34 8.31
N GLY B 139 -13.70 -7.51 8.73
CA GLY B 139 -12.83 -8.66 8.90
C GLY B 139 -12.65 -9.49 7.64
N ALA B 140 -12.04 -8.91 6.62
CA ALA B 140 -11.66 -9.67 5.43
C ALA B 140 -10.42 -9.05 4.82
N VAL B 141 -9.43 -9.89 4.49
CA VAL B 141 -8.19 -9.42 3.87
C VAL B 141 -7.71 -10.42 2.84
N THR B 142 -6.80 -9.98 1.98
CA THR B 142 -6.09 -10.89 1.08
C THR B 142 -4.63 -10.85 1.48
N VAL B 143 -4.01 -12.03 1.61
CA VAL B 143 -2.59 -12.11 1.95
C VAL B 143 -1.85 -12.67 0.77
N ALA B 144 -0.80 -11.98 0.36
CA ALA B 144 0.04 -12.44 -0.73
C ALA B 144 1.48 -12.55 -0.26
N TRP B 145 2.15 -13.63 -0.62
CA TRP B 145 3.54 -13.81 -0.26
C TRP B 145 4.40 -13.65 -1.50
N LYS B 146 5.59 -13.07 -1.32
CA LYS B 146 6.53 -12.95 -2.42
C LYS B 146 7.92 -13.49 -2.04
N ALA B 147 8.54 -14.18 -3.00
CA ALA B 147 9.96 -14.52 -2.91
C ALA B 147 10.67 -13.51 -3.79
N ASP B 148 11.49 -12.65 -3.17
CA ASP B 148 11.97 -11.45 -3.85
C ASP B 148 10.71 -10.66 -4.25
N SER B 149 10.47 -10.47 -5.56
CA SER B 149 9.27 -9.79 -6.01
C SER B 149 8.24 -10.72 -6.66
N SER B 150 8.52 -12.02 -6.68
CA SER B 150 7.66 -12.99 -7.37
C SER B 150 6.68 -13.65 -6.42
N PRO B 151 5.41 -13.75 -6.83
CA PRO B 151 4.42 -14.38 -5.96
C PRO B 151 4.74 -15.83 -5.66
N VAL B 152 4.45 -16.24 -4.43
CA VAL B 152 4.59 -17.62 -4.01
C VAL B 152 3.24 -18.07 -3.48
N LYS B 153 2.73 -19.20 -3.98
CA LYS B 153 1.46 -19.73 -3.50
C LYS B 153 1.66 -21.02 -2.70
N ALA B 154 2.68 -21.79 -3.07
CA ALA B 154 2.93 -23.06 -2.40
C ALA B 154 3.44 -22.82 -0.98
N GLY B 155 3.02 -23.67 -0.06
CA GLY B 155 3.48 -23.62 1.32
C GLY B 155 2.84 -22.52 2.15
N VAL B 156 1.74 -21.95 1.65
CA VAL B 156 1.05 -20.89 2.36
C VAL B 156 -0.17 -21.41 3.09
N GLU B 157 -0.35 -20.97 4.32
CA GLU B 157 -1.57 -21.26 5.07
C GLU B 157 -2.02 -19.97 5.77
N THR B 158 -3.28 -19.61 5.62
CA THR B 158 -3.80 -18.35 6.16
C THR B 158 -5.11 -18.58 6.90
N THR B 159 -5.22 -18.04 8.10
CA THR B 159 -6.44 -18.22 8.86
C THR B 159 -7.55 -17.29 8.40
N THR B 160 -8.79 -17.70 8.62
CA THR B 160 -9.94 -16.83 8.46
C THR B 160 -9.95 -15.81 9.59
N PRO B 161 -10.22 -14.54 9.28
CA PRO B 161 -10.17 -13.53 10.34
C PRO B 161 -11.09 -13.85 11.52
N SER B 162 -10.62 -13.59 12.73
CA SER B 162 -11.43 -13.81 13.92
C SER B 162 -11.48 -12.53 14.75
N LYS B 163 -12.58 -12.35 15.46
CA LYS B 163 -12.79 -11.15 16.25
C LYS B 163 -11.85 -11.13 17.46
N GLN B 164 -11.13 -10.03 17.64
CA GLN B 164 -10.30 -9.82 18.83
C GLN B 164 -11.14 -9.24 19.97
N SER B 165 -10.49 -8.90 21.08
CA SER B 165 -11.16 -8.34 22.26
C SER B 165 -11.72 -6.95 22.00
N ASN B 166 -10.94 -6.14 21.27
CA ASN B 166 -11.30 -4.77 20.93
C ASN B 166 -12.35 -4.69 19.82
N ASN B 167 -12.93 -5.84 19.45
CA ASN B 167 -14.00 -5.88 18.48
C ASN B 167 -13.55 -5.58 17.04
N LYS B 168 -12.23 -5.54 16.83
CA LYS B 168 -11.66 -5.58 15.48
C LYS B 168 -11.25 -7.01 15.17
N TYR B 169 -10.64 -7.25 14.02
CA TYR B 169 -10.32 -8.61 13.58
C TYR B 169 -8.83 -8.85 13.44
N ALA B 170 -8.45 -10.12 13.55
CA ALA B 170 -7.06 -10.52 13.35
C ALA B 170 -7.01 -11.76 12.50
N ALA B 171 -5.83 -12.02 11.95
CA ALA B 171 -5.61 -13.21 11.14
C ALA B 171 -4.12 -13.47 11.10
N SER B 172 -3.72 -14.65 10.62
CA SER B 172 -2.30 -14.92 10.45
C SER B 172 -2.08 -15.75 9.21
N SER B 173 -0.86 -15.65 8.70
CA SER B 173 -0.47 -16.38 7.53
C SER B 173 0.95 -16.87 7.70
N TYR B 174 1.21 -18.05 7.14
CA TYR B 174 2.47 -18.72 7.32
C TYR B 174 2.97 -19.17 5.97
N LEU B 175 4.28 -19.06 5.77
CA LEU B 175 4.92 -19.60 4.57
C LEU B 175 5.97 -20.61 4.98
N SER B 176 5.83 -21.81 4.47
CA SER B 176 6.78 -22.87 4.73
C SER B 176 7.80 -22.94 3.61
N LEU B 177 9.08 -22.92 4.00
CA LEU B 177 10.19 -22.96 3.07
C LEU B 177 11.20 -23.99 3.56
N THR B 178 12.10 -24.39 2.67
CA THR B 178 13.27 -25.14 3.11
C THR B 178 14.30 -24.10 3.54
N PRO B 179 15.20 -24.48 4.46
CA PRO B 179 16.29 -23.56 4.81
C PRO B 179 17.06 -23.08 3.57
N GLU B 180 17.21 -23.93 2.56
CA GLU B 180 17.94 -23.57 1.34
C GLU B 180 17.21 -22.46 0.60
N GLN B 181 15.89 -22.58 0.51
CA GLN B 181 15.06 -21.55 -0.13
C GLN B 181 15.18 -20.23 0.62
N TRP B 182 15.10 -20.30 1.95
CA TRP B 182 15.26 -19.11 2.77
C TRP B 182 16.60 -18.44 2.52
N LYS B 183 17.68 -19.21 2.53
CA LYS B 183 19.02 -18.65 2.47
C LYS B 183 19.41 -18.14 1.07
N SER B 184 18.75 -18.66 0.03
CA SER B 184 19.20 -18.39 -1.33
C SER B 184 18.49 -17.20 -1.98
N HIS B 185 17.42 -16.71 -1.35
CA HIS B 185 16.71 -15.55 -1.87
C HIS B 185 17.14 -14.26 -1.18
N ARG B 186 17.02 -13.14 -1.90
CA ARG B 186 17.34 -11.84 -1.34
C ARG B 186 16.43 -11.50 -0.16
N SER B 187 15.14 -11.77 -0.34
CA SER B 187 14.15 -11.48 0.69
C SER B 187 12.83 -12.19 0.43
N TYR B 188 11.98 -12.25 1.44
CA TYR B 188 10.60 -12.69 1.29
C TYR B 188 9.71 -11.60 1.88
N SER B 189 8.49 -11.45 1.35
CA SER B 189 7.57 -10.42 1.83
C SER B 189 6.18 -10.98 2.07
N CYS B 190 5.46 -10.37 3.01
CA CYS B 190 4.05 -10.63 3.21
C CYS B 190 3.31 -9.33 2.90
N GLN B 191 2.35 -9.39 1.98
CA GLN B 191 1.61 -8.20 1.55
C GLN B 191 0.12 -8.42 1.85
N VAL B 192 -0.45 -7.52 2.63
CA VAL B 192 -1.85 -7.63 3.04
C VAL B 192 -2.69 -6.52 2.39
N THR B 193 -3.75 -6.91 1.71
CA THR B 193 -4.66 -5.96 1.07
C THR B 193 -5.97 -5.90 1.84
N HIS B 194 -6.45 -4.68 2.06
CA HIS B 194 -7.68 -4.47 2.81
C HIS B 194 -8.27 -3.15 2.38
N GLU B 195 -9.42 -3.21 1.74
CA GLU B 195 -10.08 -2.00 1.26
C GLU B 195 -9.09 -1.23 0.39
N GLY B 196 -8.90 0.05 0.63
CA GLY B 196 -8.06 0.80 -0.28
C GLY B 196 -6.57 0.65 0.01
N SER B 197 -6.23 -0.22 0.93
CA SER B 197 -4.88 -0.20 1.49
C SER B 197 -4.11 -1.49 1.24
N THR B 198 -2.80 -1.35 1.10
CA THR B 198 -1.91 -2.51 1.13
C THR B 198 -0.79 -2.24 2.12
N VAL B 199 -0.45 -3.26 2.89
CA VAL B 199 0.65 -3.16 3.83
C VAL B 199 1.59 -4.30 3.55
N GLU B 200 2.85 -3.99 3.27
CA GLU B 200 3.84 -5.04 2.99
C GLU B 200 5.01 -4.96 3.97
N LYS B 201 5.43 -6.11 4.46
CA LYS B 201 6.60 -6.24 5.30
C LYS B 201 7.56 -7.20 4.62
N THR B 202 8.85 -6.98 4.82
CA THR B 202 9.88 -7.75 4.13
C THR B 202 10.98 -8.17 5.09
N VAL B 203 11.44 -9.40 4.96
CA VAL B 203 12.53 -9.90 5.80
C VAL B 203 13.55 -10.60 4.92
N ALA B 204 14.80 -10.68 5.39
CA ALA B 204 15.89 -11.23 4.59
C ALA B 204 16.81 -12.06 5.47
N PRO B 205 17.46 -13.08 4.88
CA PRO B 205 18.32 -13.93 5.69
C PRO B 205 19.50 -13.18 6.26
N THR B 206 19.96 -13.62 7.43
CA THR B 206 21.23 -13.16 7.97
C THR B 206 22.12 -14.37 8.27
N VAL C 2 39.40 23.95 -1.30
CA VAL C 2 39.19 25.37 -1.49
C VAL C 2 37.80 25.75 -0.96
N GLN C 3 37.49 27.04 -0.99
CA GLN C 3 36.22 27.51 -0.42
C GLN C 3 35.43 28.42 -1.38
N LEU C 4 34.13 28.14 -1.48
CA LEU C 4 33.25 28.91 -2.35
C LEU C 4 32.22 29.64 -1.49
N GLN C 5 32.07 30.94 -1.73
CA GLN C 5 31.08 31.72 -1.02
C GLN C 5 30.13 32.31 -2.05
N GLU C 6 28.89 31.86 -1.98
CA GLU C 6 27.88 32.22 -2.94
C GLU C 6 27.14 33.47 -2.50
N SER C 7 26.72 34.31 -3.45
CA SER C 7 25.95 35.49 -3.09
C SER C 7 24.65 35.07 -2.46
N GLY C 8 24.08 35.95 -1.63
CA GLY C 8 22.96 35.60 -0.78
C GLY C 8 21.71 35.22 -1.55
N PRO C 9 20.69 34.76 -0.81
CA PRO C 9 19.42 34.39 -1.41
C PRO C 9 18.63 35.63 -1.82
N GLY C 10 17.68 35.45 -2.72
CA GLY C 10 16.92 36.58 -3.19
C GLY C 10 15.57 36.22 -3.76
N VAL C 11 14.77 37.25 -3.95
CA VAL C 11 13.53 37.12 -4.69
C VAL C 11 13.76 37.79 -6.04
N VAL C 12 13.31 37.15 -7.10
CA VAL C 12 13.43 37.71 -8.43
C VAL C 12 12.04 37.83 -8.98
N LYS C 13 11.73 39.00 -9.54
CA LYS C 13 10.41 39.22 -10.07
C LYS C 13 10.29 38.46 -11.39
N SER C 14 9.23 37.66 -11.50
CA SER C 14 8.96 36.85 -12.67
C SER C 14 9.24 37.59 -13.98
N SER C 15 10.00 36.95 -14.87
CA SER C 15 10.34 37.48 -16.20
C SER C 15 11.68 38.23 -16.24
N GLU C 16 12.21 38.60 -15.07
CA GLU C 16 13.46 39.35 -15.00
C GLU C 16 14.65 38.38 -14.95
N THR C 17 15.87 38.91 -14.89
CA THR C 17 17.07 38.07 -14.90
C THR C 17 17.58 37.72 -13.50
N LEU C 18 17.81 36.43 -13.29
CA LEU C 18 18.42 35.96 -12.06
C LEU C 18 19.94 36.09 -12.14
N SER C 19 20.54 36.72 -11.13
CA SER C 19 21.99 36.95 -11.14
C SER C 19 22.63 36.49 -9.82
N LEU C 20 23.58 35.57 -9.90
CA LEU C 20 24.31 35.10 -8.73
C LEU C 20 25.80 35.17 -8.97
N THR C 21 26.58 35.24 -7.89
CA THR C 21 28.02 35.15 -8.03
C THR C 21 28.57 34.21 -6.97
N CYS C 22 29.80 33.78 -7.18
CA CYS C 22 30.46 32.88 -6.25
C CYS C 22 31.91 33.33 -6.17
N THR C 23 32.39 33.56 -4.95
CA THR C 23 33.77 33.99 -4.74
C THR C 23 34.57 32.76 -4.31
N VAL C 24 35.78 32.67 -4.83
CA VAL C 24 36.65 31.52 -4.58
C VAL C 24 37.85 31.91 -3.71
N SER C 25 38.15 31.08 -2.72
CA SER C 25 39.37 31.20 -1.91
C SER C 25 40.15 29.91 -2.01
N GLY C 26 41.48 29.99 -2.02
CA GLY C 26 42.32 28.81 -2.11
C GLY C 26 42.50 28.34 -3.54
N GLY C 27 43.56 27.58 -3.80
CA GLY C 27 43.87 27.13 -5.14
C GLY C 27 44.30 28.26 -6.06
N GLY C 30 44.67 27.30 -13.13
CA GLY C 30 43.57 27.03 -14.05
C GLY C 30 43.45 25.56 -14.41
N GLY C 31 42.93 24.77 -13.46
CA GLY C 31 42.63 23.37 -13.69
C GLY C 31 41.24 23.03 -13.19
N THR C 32 40.32 23.98 -13.30
CA THR C 32 39.00 23.83 -12.70
C THR C 32 37.85 24.25 -13.61
N TYR C 33 36.79 23.45 -13.59
CA TYR C 33 35.53 23.85 -14.20
C TYR C 33 34.66 24.41 -13.08
N TRP C 34 34.47 25.73 -13.09
CA TRP C 34 33.64 26.38 -12.11
C TRP C 34 32.18 26.21 -12.51
N SER C 35 31.38 25.63 -11.62
CA SER C 35 30.08 25.10 -11.99
C SER C 35 28.91 25.69 -11.19
N TRP C 36 27.72 25.64 -11.79
CA TRP C 36 26.48 25.99 -11.12
C TRP C 36 25.50 24.83 -11.21
N LEU C 37 24.72 24.63 -10.15
CA LEU C 37 23.67 23.62 -10.12
C LEU C 37 22.49 24.16 -9.32
N ARG C 38 21.36 23.49 -9.38
CA ARG C 38 20.23 23.87 -8.55
C ARG C 38 19.43 22.67 -8.09
N LEU C 39 18.69 22.88 -7.01
CA LEU C 39 17.89 21.83 -6.38
C LEU C 39 16.49 22.32 -6.09
N SER C 40 15.48 21.65 -6.64
CA SER C 40 14.07 21.96 -6.35
C SER C 40 13.38 20.69 -5.86
N PRO C 41 12.31 20.83 -5.05
CA PRO C 41 11.52 19.65 -4.68
C PRO C 41 10.96 18.95 -5.90
N GLY C 42 10.41 19.73 -6.82
CA GLY C 42 9.72 19.19 -7.99
C GLY C 42 10.65 18.47 -8.96
N LYS C 43 11.87 18.99 -9.10
CA LYS C 43 12.76 18.53 -10.16
C LYS C 43 14.10 17.99 -9.67
N GLY C 44 14.31 18.03 -8.37
CA GLY C 44 15.52 17.47 -7.79
C GLY C 44 16.77 18.25 -8.14
N LEU C 45 17.89 17.55 -8.25
CA LEU C 45 19.19 18.16 -8.44
C LEU C 45 19.53 18.24 -9.93
N GLU C 46 19.93 19.43 -10.38
CA GLU C 46 20.11 19.71 -11.80
C GLU C 46 21.40 20.48 -12.04
N TRP C 47 22.18 20.04 -13.01
CA TRP C 47 23.39 20.75 -13.37
C TRP C 47 23.00 21.86 -14.34
N ILE C 48 23.59 23.04 -14.15
CA ILE C 48 23.24 24.20 -14.95
C ILE C 48 24.29 24.48 -16.02
N GLY C 49 25.55 24.54 -15.60
CA GLY C 49 26.66 24.80 -16.50
C GLY C 49 27.99 24.94 -15.81
N TYR C 50 29.06 25.00 -16.58
CA TYR C 50 30.36 25.33 -16.01
C TYR C 50 31.18 26.17 -16.98
N ILE C 51 32.27 26.73 -16.46
CA ILE C 51 33.17 27.52 -17.25
C ILE C 51 34.61 27.15 -16.89
N PHE C 52 35.48 27.16 -17.89
CA PHE C 52 36.91 26.96 -17.68
C PHE C 52 37.59 28.32 -17.77
N HIS C 53 38.83 28.42 -17.30
CA HIS C 53 39.53 29.71 -17.23
C HIS C 53 39.74 30.36 -18.60
N THR C 54 39.59 29.61 -19.69
CA THR C 54 39.70 30.18 -21.03
C THR C 54 38.45 30.97 -21.35
N GLY C 55 37.41 30.79 -20.55
CA GLY C 55 36.13 31.43 -20.80
C GLY C 55 35.17 30.49 -21.51
N GLU C 56 35.69 29.35 -21.96
CA GLU C 56 34.88 28.35 -22.61
C GLU C 56 33.85 27.79 -21.63
N THR C 57 32.62 27.65 -22.09
CA THR C 57 31.51 27.22 -21.24
C THR C 57 30.86 25.97 -21.79
N ASN C 58 30.14 25.29 -20.90
CA ASN C 58 29.29 24.17 -21.26
C ASN C 58 27.99 24.36 -20.50
N TYR C 59 26.88 24.50 -21.22
CA TYR C 59 25.60 24.75 -20.58
C TYR C 59 24.67 23.55 -20.76
N SER C 60 23.81 23.33 -19.77
CA SER C 60 22.76 22.33 -19.90
C SER C 60 21.87 22.65 -21.10
N PRO C 61 21.66 21.65 -21.97
CA PRO C 61 20.87 21.89 -23.18
C PRO C 61 19.50 22.50 -22.88
N SER C 62 18.94 22.16 -21.73
CA SER C 62 17.61 22.62 -21.34
C SER C 62 17.55 24.13 -21.15
N LEU C 63 18.69 24.74 -20.84
CA LEU C 63 18.72 26.14 -20.42
C LEU C 63 19.40 27.07 -21.43
N LYS C 64 19.94 26.51 -22.51
CA LYS C 64 20.68 27.34 -23.47
C LYS C 64 19.81 28.39 -24.15
N GLY C 65 20.45 29.48 -24.53
CA GLY C 65 19.75 30.64 -25.03
C GLY C 65 19.36 31.54 -23.88
N ARG C 66 19.51 31.03 -22.66
CA ARG C 66 18.91 31.69 -21.50
C ARG C 66 19.84 31.74 -20.29
N VAL C 67 20.96 31.02 -20.35
CA VAL C 67 21.91 30.99 -19.26
C VAL C 67 23.26 31.56 -19.70
N SER C 68 23.94 32.27 -18.81
CA SER C 68 25.28 32.75 -19.09
C SER C 68 26.17 32.68 -17.85
N ILE C 69 27.38 32.17 -18.04
CA ILE C 69 28.37 32.10 -16.97
C ILE C 69 29.64 32.84 -17.34
N SER C 70 30.15 33.66 -16.42
CA SER C 70 31.42 34.34 -16.64
C SER C 70 32.38 34.10 -15.47
N VAL C 71 33.66 34.27 -15.72
CA VAL C 71 34.66 34.16 -14.66
C VAL C 71 35.68 35.28 -14.82
N ASP C 72 36.13 35.86 -13.72
CA ASP C 72 37.06 36.96 -13.82
C ASP C 72 38.46 36.43 -14.09
N THR C 73 39.34 37.32 -14.54
CA THR C 73 40.65 36.95 -15.04
C THR C 73 41.45 36.09 -14.05
N SER C 74 41.34 36.40 -12.76
CA SER C 74 42.14 35.74 -11.74
C SER C 74 41.45 34.49 -11.17
N GLU C 75 40.26 34.18 -11.66
CA GLU C 75 39.49 33.04 -11.15
C GLU C 75 39.16 33.10 -9.67
N ASP C 76 38.95 34.30 -9.12
CA ASP C 76 38.51 34.40 -7.73
C ASP C 76 37.01 34.68 -7.62
N GLN C 77 36.34 34.83 -8.77
CA GLN C 77 34.89 35.02 -8.77
C GLN C 77 34.28 34.57 -10.10
N PHE C 78 33.13 33.91 -10.03
CA PHE C 78 32.40 33.59 -11.25
C PHE C 78 30.91 33.82 -11.05
N SER C 79 30.18 33.93 -12.15
CA SER C 79 28.81 34.42 -12.12
C SER C 79 27.84 33.50 -12.84
N LEU C 80 26.57 33.63 -12.47
CA LEU C 80 25.51 32.98 -13.20
C LEU C 80 24.43 34.00 -13.46
N ARG C 81 24.02 34.07 -14.71
CA ARG C 81 22.88 34.90 -15.07
CA ARG C 81 22.88 34.90 -15.07
C ARG C 81 21.87 34.02 -15.81
N LEU C 82 20.63 34.07 -15.35
CA LEU C 82 19.56 33.26 -15.92
C LEU C 82 18.41 34.17 -16.26
N ARG C 83 18.17 34.35 -17.55
CA ARG C 83 17.16 35.29 -18.02
C ARG C 83 15.74 34.70 -17.96
N SER C 84 14.76 35.58 -17.76
CA SER C 84 13.36 35.25 -17.95
C SER C 84 12.84 34.12 -17.07
N VAL C 85 13.04 34.28 -15.78
CA VAL C 85 12.72 33.24 -14.81
C VAL C 85 11.22 33.15 -14.48
N THR C 86 10.81 32.01 -13.94
CA THR C 86 9.43 31.75 -13.56
C THR C 86 9.39 31.02 -12.23
N ALA C 87 8.18 30.69 -11.79
CA ALA C 87 7.99 29.92 -10.59
C ALA C 87 8.78 28.62 -10.71
N ALA C 88 9.03 28.21 -11.95
CA ALA C 88 9.77 26.98 -12.24
C ALA C 88 11.21 27.08 -11.74
N ASP C 89 11.79 28.26 -11.84
CA ASP C 89 13.19 28.46 -11.48
C ASP C 89 13.39 28.69 -9.99
N THR C 90 12.30 28.69 -9.23
CA THR C 90 12.41 28.73 -7.78
C THR C 90 13.17 27.49 -7.31
N ALA C 91 14.30 27.72 -6.67
CA ALA C 91 15.16 26.62 -6.29
C ALA C 91 16.30 27.12 -5.43
N VAL C 92 17.01 26.18 -4.83
CA VAL C 92 18.25 26.50 -4.16
C VAL C 92 19.36 26.34 -5.17
N TYR C 93 20.10 27.41 -5.41
CA TYR C 93 21.18 27.42 -6.39
C TYR C 93 22.53 27.23 -5.70
N PHE C 94 23.38 26.40 -6.31
CA PHE C 94 24.69 26.10 -5.76
C PHE C 94 25.79 26.37 -6.76
N CYS C 95 26.91 26.93 -6.29
CA CYS C 95 28.15 26.88 -7.06
C CYS C 95 29.04 25.73 -6.56
N ALA C 96 29.93 25.25 -7.42
CA ALA C 96 30.76 24.09 -7.08
C ALA C 96 31.93 24.02 -8.03
N SER C 97 32.88 23.14 -7.75
CA SER C 97 34.03 23.01 -8.63
C SER C 97 34.19 21.58 -9.12
N LEU C 98 34.80 21.46 -10.30
CA LEU C 98 35.18 20.17 -10.88
C LEU C 98 36.62 20.25 -11.37
N PRO C 99 37.42 19.20 -11.15
CA PRO C 99 38.67 19.16 -11.95
C PRO C 99 38.51 19.17 -13.47
N ARG C 100 39.44 19.88 -14.12
CA ARG C 100 39.64 19.83 -15.57
C ARG C 100 39.99 18.40 -15.98
N GLY C 101 39.41 17.96 -17.10
CA GLY C 101 39.71 16.65 -17.62
C GLY C 101 38.44 15.87 -17.93
N GLN C 102 38.59 14.54 -18.00
CA GLN C 102 37.47 13.65 -18.30
C GLN C 102 36.44 13.75 -17.20
N LEU C 103 35.17 13.70 -17.58
CA LEU C 103 34.10 13.89 -16.64
C LEU C 103 33.35 12.61 -16.35
N VAL C 104 33.65 11.54 -17.06
CA VAL C 104 32.83 10.33 -16.91
C VAL C 104 32.86 9.85 -15.46
N ASN C 105 33.97 10.07 -14.76
CA ASN C 105 34.08 9.64 -13.35
C ASN C 105 34.14 10.82 -12.36
N ALA C 106 33.95 12.03 -12.87
CA ALA C 106 34.16 13.22 -12.07
C ALA C 106 33.01 13.50 -11.11
N TYR C 107 33.35 14.05 -9.95
CA TYR C 107 32.33 14.53 -9.03
C TYR C 107 32.63 15.99 -8.64
N PHE C 108 31.59 16.67 -8.20
CA PHE C 108 31.68 18.04 -7.73
C PHE C 108 32.27 18.04 -6.32
N ARG C 109 33.29 18.85 -6.07
CA ARG C 109 34.02 18.63 -4.81
C ARG C 109 33.98 19.72 -3.72
N ASN C 110 33.70 20.98 -4.07
CA ASN C 110 33.69 22.09 -3.09
C ASN C 110 32.48 23.04 -3.06
N TRP C 111 31.30 22.51 -2.78
CA TRP C 111 30.06 23.23 -2.99
C TRP C 111 29.91 24.47 -2.13
N GLY C 112 29.25 25.49 -2.68
CA GLY C 112 28.76 26.59 -1.88
C GLY C 112 27.62 26.11 -1.00
N ARG C 113 27.19 26.95 -0.06
CA ARG C 113 26.18 26.52 0.90
C ARG C 113 24.77 26.56 0.30
N GLY C 114 24.61 27.24 -0.82
CA GLY C 114 23.34 27.27 -1.51
C GLY C 114 22.55 28.53 -1.19
N SER C 115 21.85 29.03 -2.20
CA SER C 115 21.06 30.25 -2.07
C SER C 115 19.67 30.02 -2.63
N LEU C 116 18.66 30.18 -1.78
CA LEU C 116 17.29 30.05 -2.22
C LEU C 116 16.94 31.28 -3.05
N VAL C 117 16.59 31.04 -4.31
CA VAL C 117 16.08 32.10 -5.14
C VAL C 117 14.62 31.82 -5.40
N SER C 118 13.76 32.67 -4.84
CA SER C 118 12.33 32.50 -4.98
C SER C 118 11.84 33.41 -6.10
N VAL C 119 11.19 32.82 -7.09
CA VAL C 119 10.62 33.58 -8.18
C VAL C 119 9.14 33.80 -7.88
N THR C 120 8.71 35.05 -7.97
CA THR C 120 7.37 35.44 -7.54
C THR C 120 6.68 36.25 -8.63
N ALA C 121 5.34 36.24 -8.61
CA ALA C 121 4.57 37.09 -9.50
C ALA C 121 4.56 38.53 -8.99
N ALA C 122 3.83 39.39 -9.67
CA ALA C 122 3.79 40.80 -9.32
C ALA C 122 2.39 41.29 -9.00
N SER C 123 1.37 40.66 -9.59
CA SER C 123 0.03 41.20 -9.55
C SER C 123 -0.88 40.48 -8.55
N THR C 124 -1.52 41.29 -7.72
CA THR C 124 -2.40 40.82 -6.68
C THR C 124 -3.65 40.19 -7.28
N LYS C 125 -4.05 39.06 -6.71
CA LYS C 125 -5.28 38.38 -7.12
C LYS C 125 -5.89 37.70 -5.91
N GLY C 126 -7.15 38.01 -5.63
CA GLY C 126 -7.85 37.38 -4.53
C GLY C 126 -8.34 36.00 -4.89
N PRO C 127 -8.61 35.18 -3.88
CA PRO C 127 -8.94 33.78 -4.15
C PRO C 127 -10.40 33.55 -4.45
N SER C 128 -10.67 32.38 -5.02
CA SER C 128 -12.01 31.80 -5.07
C SER C 128 -12.07 30.80 -3.94
N VAL C 129 -13.23 30.64 -3.33
CA VAL C 129 -13.37 29.73 -2.20
C VAL C 129 -14.49 28.73 -2.49
N PHE C 130 -14.11 27.45 -2.48
CA PHE C 130 -15.05 26.37 -2.76
C PHE C 130 -15.18 25.44 -1.56
N PRO C 131 -16.39 24.92 -1.35
CA PRO C 131 -16.59 23.99 -0.23
C PRO C 131 -16.06 22.61 -0.56
N LEU C 132 -15.50 21.95 0.44
CA LEU C 132 -15.13 20.55 0.31
C LEU C 132 -16.09 19.79 1.23
N ALA C 133 -17.16 19.29 0.65
CA ALA C 133 -18.29 18.80 1.44
C ALA C 133 -18.05 17.38 1.92
N PRO C 134 -18.49 17.09 3.15
CA PRO C 134 -18.46 15.74 3.68
C PRO C 134 -19.61 14.90 3.13
N SER C 135 -19.53 13.60 3.31
CA SER C 135 -20.67 12.72 3.07
C SER C 135 -21.74 12.99 4.14
N SER C 136 -23.01 12.83 3.78
CA SER C 136 -24.09 12.85 4.77
C SER C 136 -24.21 11.50 5.49
N LYS C 137 -23.75 10.44 4.83
CA LYS C 137 -23.88 9.09 5.39
C LYS C 137 -22.86 8.82 6.49
N SER C 138 -23.34 8.21 7.57
CA SER C 138 -22.60 8.19 8.83
C SER C 138 -22.35 6.78 9.32
N THR C 139 -21.24 6.59 9.99
CA THR C 139 -20.93 5.33 10.66
C THR C 139 -20.73 5.60 12.15
N SER C 140 -21.23 4.68 12.97
CA SER C 140 -21.11 4.80 14.43
C SER C 140 -19.65 5.00 14.84
N GLY C 141 -19.42 6.05 15.63
CA GLY C 141 -18.09 6.36 16.11
C GLY C 141 -17.18 6.89 15.03
N GLY C 142 -17.77 7.23 13.88
CA GLY C 142 -17.00 7.64 12.73
C GLY C 142 -16.71 9.12 12.70
N THR C 143 -15.77 9.52 11.85
CA THR C 143 -15.48 10.92 11.65
C THR C 143 -15.74 11.26 10.20
N ALA C 144 -15.93 12.54 9.94
CA ALA C 144 -16.08 13.04 8.59
C ALA C 144 -15.14 14.21 8.47
N ALA C 145 -14.69 14.46 7.25
CA ALA C 145 -13.82 15.58 6.99
C ALA C 145 -14.58 16.55 6.09
N LEU C 146 -14.50 17.83 6.43
CA LEU C 146 -15.09 18.85 5.58
C LEU C 146 -14.10 19.99 5.51
N GLY C 147 -14.20 20.81 4.46
CA GLY C 147 -13.18 21.81 4.31
C GLY C 147 -13.56 22.91 3.34
N CYS C 148 -12.57 23.77 3.10
CA CYS C 148 -12.66 24.84 2.13
C CYS C 148 -11.38 24.85 1.29
N LEU C 149 -11.57 24.93 -0.02
CA LEU C 149 -10.50 25.05 -0.98
C LEU C 149 -10.37 26.52 -1.29
N VAL C 150 -9.20 27.08 -1.05
CA VAL C 150 -8.91 28.48 -1.34
C VAL C 150 -8.00 28.51 -2.55
N LYS C 151 -8.53 28.93 -3.71
CA LYS C 151 -7.88 28.66 -4.97
C LYS C 151 -7.46 29.90 -5.72
N ASP C 152 -6.23 29.90 -6.21
CA ASP C 152 -5.73 30.88 -7.20
C ASP C 152 -5.60 32.29 -6.65
N TYR C 153 -4.75 32.48 -5.64
CA TYR C 153 -4.51 33.80 -5.08
C TYR C 153 -3.03 34.17 -5.11
N PHE C 154 -2.77 35.47 -5.00
CA PHE C 154 -1.40 35.97 -4.91
C PHE C 154 -1.43 37.38 -4.33
N PRO C 155 -0.46 37.72 -3.47
CA PRO C 155 0.59 36.86 -2.91
C PRO C 155 0.08 36.13 -1.67
N GLU C 156 0.96 35.39 -1.00
CA GLU C 156 0.66 34.89 0.33
C GLU C 156 0.59 36.07 1.29
N PRO C 157 -0.09 35.91 2.43
CA PRO C 157 -0.78 34.69 2.88
C PRO C 157 -2.30 34.80 2.76
N VAL C 158 -2.96 33.65 2.85
CA VAL C 158 -4.36 33.65 3.24
C VAL C 158 -4.41 33.03 4.63
N THR C 159 -5.39 33.45 5.41
CA THR C 159 -5.68 32.81 6.68
C THR C 159 -7.09 32.25 6.63
N VAL C 160 -7.30 31.17 7.37
CA VAL C 160 -8.61 30.55 7.43
C VAL C 160 -8.97 30.33 8.89
N SER C 161 -10.20 30.69 9.25
CA SER C 161 -10.75 30.26 10.52
C SER C 161 -12.09 29.56 10.28
N TRP C 162 -12.62 28.96 11.33
CA TRP C 162 -13.91 28.30 11.25
C TRP C 162 -14.87 28.86 12.30
N ASN C 163 -16.08 29.16 11.86
CA ASN C 163 -17.12 29.66 12.76
C ASN C 163 -16.62 30.87 13.52
N SER C 164 -15.86 31.70 12.82
CA SER C 164 -15.36 32.97 13.33
C SER C 164 -14.47 32.77 14.54
N GLY C 165 -13.78 31.63 14.59
CA GLY C 165 -12.81 31.36 15.63
C GLY C 165 -13.30 30.41 16.71
N ALA C 166 -14.61 30.16 16.73
CA ALA C 166 -15.20 29.34 17.79
C ALA C 166 -14.81 27.87 17.67
N LEU C 167 -14.51 27.43 16.45
CA LEU C 167 -14.14 26.04 16.20
C LEU C 167 -12.65 25.94 15.93
N THR C 168 -11.93 25.19 16.77
CA THR C 168 -10.49 25.02 16.62
C THR C 168 -10.04 23.57 16.70
N SER C 169 -10.72 22.76 17.49
CA SER C 169 -10.41 21.34 17.53
C SER C 169 -10.72 20.68 16.19
N GLY C 170 -9.77 19.88 15.72
CA GLY C 170 -9.97 19.12 14.50
C GLY C 170 -9.72 19.92 13.26
N VAL C 171 -9.34 21.19 13.42
CA VAL C 171 -9.06 22.07 12.27
C VAL C 171 -7.60 21.95 11.85
N HIS C 172 -7.37 21.75 10.56
CA HIS C 172 -6.02 21.79 9.99
C HIS C 172 -5.96 22.49 8.64
N THR C 173 -5.16 23.55 8.59
CA THR C 173 -4.96 24.33 7.38
C THR C 173 -3.61 23.97 6.80
N PHE C 174 -3.66 23.49 5.57
CA PHE C 174 -2.49 22.93 4.94
C PHE C 174 -1.69 24.03 4.28
N PRO C 175 -0.37 23.88 4.23
CA PRO C 175 0.47 24.82 3.49
C PRO C 175 0.05 24.93 2.03
N ALA C 176 0.28 26.09 1.42
CA ALA C 176 -0.11 26.36 0.04
C ALA C 176 0.77 25.65 -0.99
N VAL C 177 0.16 25.30 -2.12
CA VAL C 177 0.88 24.91 -3.33
C VAL C 177 0.93 26.07 -4.30
N LEU C 178 1.84 25.98 -5.26
CA LEU C 178 2.04 27.03 -6.24
C LEU C 178 1.87 26.45 -7.64
N GLN C 179 0.91 26.97 -8.40
CA GLN C 179 0.74 26.48 -9.76
C GLN C 179 1.80 27.15 -10.65
N SER C 180 1.80 26.80 -11.93
CA SER C 180 2.82 27.27 -12.85
C SER C 180 2.58 28.74 -13.13
N SER C 181 1.31 29.12 -13.01
CA SER C 181 0.86 30.52 -13.10
C SER C 181 1.52 31.41 -12.06
N GLY C 182 2.04 30.82 -11.00
CA GLY C 182 2.54 31.58 -9.87
C GLY C 182 1.43 32.00 -8.91
N LEU C 183 0.24 31.44 -9.09
CA LEU C 183 -0.86 31.63 -8.13
C LEU C 183 -0.85 30.47 -7.12
N TYR C 184 -1.17 30.78 -5.87
CA TYR C 184 -1.22 29.80 -4.79
C TYR C 184 -2.62 29.23 -4.59
N SER C 185 -2.69 28.04 -4.00
CA SER C 185 -3.94 27.49 -3.49
C SER C 185 -3.65 26.79 -2.18
N LEU C 186 -4.64 26.76 -1.29
CA LEU C 186 -4.53 25.90 -0.13
C LEU C 186 -5.89 25.36 0.30
N SER C 187 -5.88 24.43 1.23
CA SER C 187 -7.10 23.89 1.78
C SER C 187 -7.05 23.92 3.31
N SER C 188 -8.21 24.10 3.92
CA SER C 188 -8.39 23.95 5.36
C SER C 188 -9.47 22.91 5.59
N VAL C 189 -9.20 21.96 6.47
CA VAL C 189 -10.10 20.84 6.67
C VAL C 189 -10.36 20.66 8.16
N VAL C 190 -11.62 20.40 8.52
CA VAL C 190 -11.98 20.10 9.89
C VAL C 190 -12.44 18.66 9.96
N THR C 191 -11.95 17.94 10.94
CA THR C 191 -12.40 16.58 11.18
C THR C 191 -13.38 16.64 12.32
N VAL C 192 -14.58 16.12 12.10
CA VAL C 192 -15.64 16.20 13.09
C VAL C 192 -16.31 14.85 13.24
N PRO C 193 -16.95 14.62 14.39
CA PRO C 193 -17.72 13.37 14.47
C PRO C 193 -18.83 13.38 13.42
N SER C 194 -19.00 12.29 12.70
CA SER C 194 -19.97 12.24 11.61
C SER C 194 -21.37 12.57 12.11
N SER C 195 -21.67 12.21 13.36
CA SER C 195 -22.99 12.49 13.93
C SER C 195 -23.23 14.00 14.16
N SER C 196 -22.17 14.80 14.14
CA SER C 196 -22.30 16.25 14.31
C SER C 196 -22.73 16.97 13.04
N LEU C 197 -22.76 16.27 11.92
CA LEU C 197 -23.03 16.94 10.65
C LEU C 197 -24.46 17.48 10.57
N GLY C 198 -25.39 16.85 11.29
CA GLY C 198 -26.79 17.27 11.24
C GLY C 198 -27.16 18.27 12.31
N THR C 199 -26.26 18.50 13.25
CA THR C 199 -26.52 19.39 14.38
C THR C 199 -25.66 20.65 14.36
N GLN C 200 -24.49 20.57 13.72
CA GLN C 200 -23.55 21.67 13.78
C GLN C 200 -23.45 22.39 12.45
N THR C 201 -23.23 23.70 12.54
CA THR C 201 -22.98 24.52 11.36
C THR C 201 -21.48 24.77 11.22
N TYR C 202 -20.98 24.64 10.01
CA TYR C 202 -19.55 24.84 9.75
C TYR C 202 -19.36 25.87 8.67
N ILE C 203 -18.72 26.97 9.03
CA ILE C 203 -18.47 28.07 8.11
C ILE C 203 -17.00 28.38 8.09
N CYS C 204 -16.38 28.38 6.90
CA CYS C 204 -14.99 28.78 6.86
C CYS C 204 -14.88 30.28 6.55
N ASN C 205 -13.97 30.94 7.25
CA ASN C 205 -13.74 32.36 7.07
C ASN C 205 -12.36 32.53 6.48
N VAL C 206 -12.32 32.99 5.23
CA VAL C 206 -11.07 33.11 4.50
C VAL C 206 -10.71 34.58 4.34
N ASN C 207 -9.51 34.93 4.79
CA ASN C 207 -8.98 36.29 4.65
C ASN C 207 -7.78 36.33 3.74
N HIS C 208 -7.83 37.21 2.76
CA HIS C 208 -6.68 37.49 1.92
C HIS C 208 -6.40 38.99 1.98
N LYS C 209 -5.59 39.39 2.96
CA LYS C 209 -5.35 40.79 3.20
C LYS C 209 -4.79 41.56 2.00
N PRO C 210 -3.92 40.92 1.19
CA PRO C 210 -3.30 41.67 0.09
C PRO C 210 -4.32 42.19 -0.93
N SER C 211 -5.43 41.51 -1.07
CA SER C 211 -6.48 41.97 -1.98
C SER C 211 -7.67 42.51 -1.20
N ASN C 212 -7.50 42.71 0.11
CA ASN C 212 -8.57 43.17 0.98
C ASN C 212 -9.87 42.42 0.73
N THR C 213 -9.76 41.09 0.68
CA THR C 213 -10.91 40.24 0.46
C THR C 213 -11.16 39.34 1.67
N LYS C 214 -12.41 39.23 2.08
CA LYS C 214 -12.78 38.18 3.02
C LYS C 214 -13.97 37.40 2.49
N VAL C 215 -13.96 36.08 2.67
CA VAL C 215 -15.05 35.26 2.18
C VAL C 215 -15.50 34.32 3.29
N ASP C 216 -16.81 34.23 3.50
CA ASP C 216 -17.38 33.24 4.42
C ASP C 216 -18.20 32.27 3.59
N LYS C 217 -17.97 30.98 3.83
CA LYS C 217 -18.65 29.95 3.08
C LYS C 217 -19.14 28.88 4.03
N LYS C 218 -20.45 28.66 4.08
CA LYS C 218 -20.99 27.56 4.88
C LYS C 218 -20.76 26.26 4.12
N VAL C 219 -20.26 25.24 4.79
CA VAL C 219 -19.96 23.96 4.14
C VAL C 219 -20.98 22.93 4.59
N GLU C 220 -21.80 22.46 3.65
CA GLU C 220 -22.91 21.59 3.96
C GLU C 220 -22.66 20.21 3.40
N PRO C 221 -23.23 19.16 4.03
CA PRO C 221 -23.08 17.80 3.50
C PRO C 221 -23.70 17.67 2.11
N LYS C 222 -23.17 16.77 1.26
CA LYS C 222 -23.72 16.57 -0.08
C LYS C 222 -25.09 15.91 0.03
N GLU D 2 15.22 11.63 -14.44
CA GLU D 2 15.93 11.31 -13.20
C GLU D 2 16.32 9.84 -13.12
N LEU D 3 17.62 9.55 -12.92
CA LEU D 3 18.05 8.21 -12.51
C LEU D 3 17.04 7.83 -11.45
N THR D 4 16.73 6.54 -11.28
CA THR D 4 15.65 6.17 -10.36
C THR D 4 16.18 5.74 -8.99
N GLN D 5 15.74 6.44 -7.95
CA GLN D 5 16.03 6.11 -6.55
C GLN D 5 14.74 5.98 -5.76
N PRO D 6 14.73 5.15 -4.70
CA PRO D 6 13.57 5.11 -3.81
C PRO D 6 13.39 6.48 -3.14
N PRO D 7 12.14 6.94 -3.00
CA PRO D 7 12.05 8.29 -2.43
C PRO D 7 12.48 8.37 -0.97
N SER D 8 12.33 7.27 -0.25
CA SER D 8 12.53 7.27 1.20
C SER D 8 13.05 5.94 1.70
N VAL D 9 14.04 6.01 2.59
CA VAL D 9 14.51 4.85 3.34
C VAL D 9 14.54 5.27 4.80
N SER D 10 14.04 4.41 5.68
CA SER D 10 14.09 4.72 7.11
C SER D 10 14.74 3.57 7.87
N VAL D 11 15.49 3.94 8.91
CA VAL D 11 16.11 2.98 9.79
C VAL D 11 16.08 3.48 11.22
N SER D 12 16.16 2.55 12.16
CA SER D 12 16.46 2.95 13.52
C SER D 12 17.97 3.06 13.64
N PRO D 13 18.45 3.87 14.60
CA PRO D 13 19.90 4.01 14.76
C PRO D 13 20.58 2.66 14.90
N GLY D 14 21.65 2.48 14.13
CA GLY D 14 22.45 1.28 14.20
C GLY D 14 22.13 0.30 13.09
N GLN D 15 20.97 0.43 12.46
CA GLN D 15 20.57 -0.47 11.37
C GLN D 15 21.25 -0.04 10.08
N THR D 16 21.30 -0.95 9.12
CA THR D 16 21.88 -0.66 7.82
C THR D 16 20.83 -0.05 6.89
N ALA D 17 21.20 1.09 6.29
CA ALA D 17 20.39 1.74 5.27
C ALA D 17 20.95 1.41 3.90
N THR D 18 20.09 0.99 3.00
CA THR D 18 20.46 0.61 1.65
C THR D 18 19.68 1.46 0.65
N ILE D 19 20.41 2.14 -0.23
CA ILE D 19 19.81 3.06 -1.19
C ILE D 19 20.26 2.70 -2.60
N THR D 20 19.30 2.53 -3.51
CA THR D 20 19.62 2.11 -4.87
C THR D 20 19.42 3.25 -5.86
N CYS D 21 20.11 3.13 -6.97
CA CYS D 21 20.08 4.11 -8.06
C CYS D 21 20.18 3.33 -9.35
N SER D 22 19.11 3.28 -10.10
CA SER D 22 19.12 2.46 -11.30
C SER D 22 19.05 3.30 -12.57
N GLY D 23 19.51 2.72 -13.66
CA GLY D 23 19.55 3.41 -14.94
C GLY D 23 20.89 4.04 -15.28
N ALA D 24 21.93 3.73 -14.50
CA ALA D 24 23.26 4.33 -14.74
C ALA D 24 24.15 3.42 -15.60
N SER D 25 24.50 3.87 -16.81
CA SER D 25 25.31 3.03 -17.68
C SER D 25 26.81 3.10 -17.40
N THR D 26 27.25 4.16 -16.73
CA THR D 26 28.65 4.35 -16.39
C THR D 26 28.73 4.55 -14.88
N ASN D 27 29.90 4.89 -14.37
CA ASN D 27 30.12 4.92 -12.93
C ASN D 27 29.35 6.02 -12.23
N VAL D 28 29.06 5.78 -10.96
CA VAL D 28 28.14 6.63 -10.20
C VAL D 28 28.83 7.22 -9.00
N CYS D 29 28.46 8.45 -8.64
CA CYS D 29 28.88 9.01 -7.37
CA CYS D 29 28.88 9.04 -7.37
C CYS D 29 27.63 9.41 -6.59
N TRP D 30 27.81 9.61 -5.29
CA TRP D 30 26.71 9.87 -4.39
C TRP D 30 27.00 11.11 -3.55
N TYR D 31 25.97 11.94 -3.36
CA TYR D 31 26.09 13.15 -2.57
C TYR D 31 25.12 13.12 -1.41
N GLN D 32 25.58 13.58 -0.25
CA GLN D 32 24.75 13.77 0.92
C GLN D 32 24.32 15.22 0.95
N VAL D 33 23.02 15.48 1.12
CA VAL D 33 22.53 16.86 1.11
C VAL D 33 21.66 17.08 2.33
N LYS D 34 22.09 18.01 3.17
CA LYS D 34 21.34 18.35 4.36
C LYS D 34 20.77 19.75 4.18
N PRO D 35 19.61 20.02 4.79
CA PRO D 35 18.99 21.35 4.66
C PRO D 35 19.93 22.48 5.11
N GLY D 36 20.14 23.46 4.24
CA GLY D 36 20.93 24.64 4.57
C GLY D 36 22.44 24.44 4.54
N GLN D 37 22.90 23.28 4.06
CA GLN D 37 24.33 22.96 4.09
C GLN D 37 24.89 22.61 2.71
N SER D 38 26.19 22.74 2.58
CA SER D 38 26.90 22.36 1.36
C SER D 38 26.76 20.86 1.16
N PRO D 39 26.32 20.43 -0.03
CA PRO D 39 26.39 18.99 -0.31
C PRO D 39 27.81 18.48 -0.20
N GLU D 40 27.95 17.18 0.05
CA GLU D 40 29.27 16.57 0.06
C GLU D 40 29.21 15.22 -0.56
N VAL D 41 30.23 14.93 -1.38
CA VAL D 41 30.36 13.62 -1.95
C VAL D 41 30.72 12.59 -0.87
N VAL D 42 30.08 11.43 -0.91
CA VAL D 42 30.37 10.36 0.05
C VAL D 42 30.92 9.08 -0.61
N ILE D 43 30.63 8.88 -1.89
CA ILE D 43 31.13 7.73 -2.67
C ILE D 43 31.35 8.24 -4.09
N PHE D 44 32.45 7.84 -4.72
CA PHE D 44 32.64 8.10 -6.14
C PHE D 44 33.18 6.85 -6.80
N GLU D 45 33.08 6.79 -8.12
CA GLU D 45 33.51 5.60 -8.88
C GLU D 45 32.89 4.31 -8.29
N ASN D 46 31.59 4.41 -8.01
CA ASN D 46 30.77 3.31 -7.49
C ASN D 46 30.96 2.97 -6.01
N TYR D 47 32.20 2.95 -5.55
CA TYR D 47 32.49 2.38 -4.24
C TYR D 47 33.57 3.07 -3.43
N LYS D 48 34.23 4.06 -4.01
CA LYS D 48 35.39 4.66 -3.37
C LYS D 48 34.97 5.81 -2.45
N ARG D 49 35.44 5.80 -1.21
CA ARG D 49 35.19 6.86 -0.26
CA ARG D 49 35.19 6.87 -0.27
C ARG D 49 36.26 7.93 -0.41
N PRO D 50 35.83 9.18 -0.55
CA PRO D 50 36.74 10.32 -0.53
C PRO D 50 37.34 10.51 0.87
N SER D 51 38.34 11.38 0.99
CA SER D 51 38.98 11.63 2.27
C SER D 51 37.94 12.14 3.25
N GLY D 52 38.03 11.68 4.50
CA GLY D 52 37.18 12.21 5.55
C GLY D 52 35.80 11.56 5.69
N ILE D 53 35.48 10.63 4.81
CA ILE D 53 34.19 9.93 4.89
C ILE D 53 34.36 8.68 5.74
N PRO D 54 33.47 8.48 6.72
CA PRO D 54 33.66 7.34 7.62
C PRO D 54 33.45 5.98 6.96
N ASP D 55 34.05 4.97 7.58
CA ASP D 55 34.06 3.59 7.14
C ASP D 55 32.71 2.97 6.94
N ARG D 56 31.71 3.53 7.60
CA ARG D 56 30.39 2.92 7.56
C ARG D 56 29.68 3.21 6.24
N PHE D 57 30.23 4.11 5.42
CA PHE D 57 29.71 4.33 4.08
C PHE D 57 30.38 3.41 3.11
N SER D 58 29.58 2.77 2.27
CA SER D 58 30.14 1.95 1.20
C SER D 58 29.22 1.97 0.00
N GLY D 59 29.74 1.51 -1.13
CA GLY D 59 28.96 1.46 -2.35
C GLY D 59 29.30 0.26 -3.21
N SER D 60 28.41 -0.03 -4.14
CA SER D 60 28.62 -1.10 -5.10
C SER D 60 27.80 -0.81 -6.34
N LYS D 61 28.21 -1.41 -7.46
CA LYS D 61 27.42 -1.31 -8.67
C LYS D 61 27.42 -2.64 -9.39
N SER D 62 26.24 -3.03 -9.86
CA SER D 62 26.06 -4.23 -10.65
C SER D 62 25.13 -3.86 -11.80
N GLY D 63 25.60 -4.00 -13.02
CA GLY D 63 24.84 -3.55 -14.17
C GLY D 63 24.53 -2.07 -14.05
N SER D 64 23.29 -1.67 -14.31
CA SER D 64 22.94 -0.26 -14.27
C SER D 64 22.51 0.20 -12.88
N THR D 65 22.60 -0.67 -11.89
CA THR D 65 22.12 -0.34 -10.55
C THR D 65 23.27 -0.16 -9.59
N ALA D 66 23.35 1.04 -9.00
CA ALA D 66 24.36 1.34 -7.99
C ALA D 66 23.67 1.35 -6.63
N THR D 67 24.40 0.94 -5.59
CA THR D 67 23.82 0.88 -4.27
C THR D 67 24.74 1.62 -3.30
N LEU D 68 24.14 2.48 -2.47
CA LEU D 68 24.86 3.15 -1.40
C LEU D 68 24.41 2.46 -0.13
N THR D 69 25.37 2.01 0.68
CA THR D 69 25.04 1.35 1.94
C THR D 69 25.64 2.08 3.12
N ILE D 70 24.82 2.38 4.12
CA ILE D 70 25.30 2.94 5.37
C ILE D 70 25.10 1.94 6.49
N ARG D 71 26.19 1.40 7.01
CA ARG D 71 26.12 0.47 8.13
C ARG D 71 26.10 1.24 9.44
N GLY D 72 25.44 0.70 10.46
CA GLY D 72 25.43 1.34 11.76
C GLY D 72 24.98 2.79 11.67
N THR D 73 23.88 3.03 10.99
CA THR D 73 23.48 4.38 10.60
C THR D 73 23.32 5.24 11.85
N GLN D 74 23.82 6.46 11.79
CA GLN D 74 23.76 7.39 12.92
C GLN D 74 22.86 8.58 12.56
N ALA D 75 22.38 9.30 13.57
CA ALA D 75 21.54 10.44 13.30
C ALA D 75 22.22 11.45 12.38
N ILE D 76 23.53 11.61 12.53
CA ILE D 76 24.26 12.54 11.68
C ILE D 76 24.22 12.12 10.20
N ASP D 77 23.79 10.89 9.93
CA ASP D 77 23.71 10.40 8.56
C ASP D 77 22.38 10.70 7.90
N GLU D 78 21.41 11.18 8.68
CA GLU D 78 20.12 11.58 8.12
C GLU D 78 20.32 12.72 7.15
N ALA D 79 19.82 12.53 5.93
CA ALA D 79 20.07 13.45 4.83
C ALA D 79 19.34 12.95 3.59
N ASP D 80 19.33 13.78 2.55
CA ASP D 80 18.88 13.34 1.22
CA ASP D 80 18.88 13.33 1.23
C ASP D 80 20.12 12.94 0.43
N TYR D 81 20.10 11.76 -0.15
CA TYR D 81 21.25 11.28 -0.91
C TYR D 81 20.89 11.23 -2.39
N TYR D 82 21.76 11.78 -3.22
CA TYR D 82 21.53 11.84 -4.65
C TYR D 82 22.65 11.13 -5.36
N CYS D 83 22.29 10.26 -6.30
CA CYS D 83 23.28 9.67 -7.18
C CYS D 83 23.46 10.51 -8.44
N GLN D 84 24.57 10.29 -9.12
CA GLN D 84 24.96 11.07 -10.29
C GLN D 84 25.71 10.19 -11.26
N VAL D 85 25.48 10.43 -12.55
CA VAL D 85 26.23 9.76 -13.58
C VAL D 85 26.50 10.80 -14.66
N TRP D 86 27.57 10.59 -15.42
CA TRP D 86 27.86 11.40 -16.60
C TRP D 86 26.94 10.97 -17.73
N ASP D 87 26.64 11.89 -18.64
CA ASP D 87 25.78 11.60 -19.76
C ASP D 87 26.26 12.33 -21.00
N SER D 88 26.23 11.65 -22.14
CA SER D 88 26.80 12.19 -23.36
C SER D 88 26.04 13.40 -23.88
N PHE D 89 24.76 13.51 -23.54
CA PHE D 89 23.94 14.63 -24.00
C PHE D 89 23.80 15.74 -22.96
N SER D 90 23.48 15.34 -21.73
CA SER D 90 23.18 16.30 -20.65
C SER D 90 24.36 16.61 -19.74
N THR D 91 25.49 15.96 -20.01
CA THR D 91 26.75 16.08 -19.23
C THR D 91 26.68 15.42 -17.85
N PHE D 92 25.81 15.91 -16.98
CA PHE D 92 25.55 15.26 -15.70
C PHE D 92 24.05 15.10 -15.46
N VAL D 93 23.64 13.90 -15.03
CA VAL D 93 22.28 13.65 -14.64
C VAL D 93 22.28 13.04 -13.25
N PHE D 94 21.25 13.38 -12.49
CA PHE D 94 21.16 13.00 -11.08
C PHE D 94 19.91 12.19 -10.84
N GLY D 95 19.92 11.42 -9.75
CA GLY D 95 18.74 10.70 -9.35
C GLY D 95 17.76 11.61 -8.63
N SER D 96 16.56 11.08 -8.37
CA SER D 96 15.47 11.83 -7.77
C SER D 96 15.69 12.09 -6.28
N GLY D 97 16.70 11.44 -5.71
CA GLY D 97 17.03 11.65 -4.31
C GLY D 97 16.32 10.68 -3.41
N THR D 98 17.01 10.25 -2.35
CA THR D 98 16.44 9.39 -1.34
C THR D 98 16.59 10.04 0.02
N GLN D 99 15.47 10.24 0.69
CA GLN D 99 15.45 10.77 2.02
C GLN D 99 15.73 9.63 3.00
N VAL D 100 16.86 9.69 3.67
CA VAL D 100 17.18 8.70 4.69
C VAL D 100 16.81 9.28 6.04
N THR D 101 15.85 8.65 6.70
CA THR D 101 15.43 9.08 8.02
C THR D 101 15.91 8.12 9.08
N VAL D 102 16.53 8.66 10.12
CA VAL D 102 16.90 7.86 11.26
C VAL D 102 15.80 8.12 12.27
N LEU D 103 14.99 7.09 12.54
CA LEU D 103 13.72 7.28 13.22
C LEU D 103 13.91 7.87 14.61
N ARG D 104 13.11 8.88 14.94
CA ARG D 104 13.13 9.52 16.26
C ARG D 104 11.77 9.39 16.95
N GLN D 105 10.85 8.68 16.32
CA GLN D 105 9.58 8.31 16.92
C GLN D 105 9.03 7.11 16.13
N PRO D 106 7.94 6.50 16.62
CA PRO D 106 7.38 5.33 15.95
C PRO D 106 6.83 5.62 14.55
N LYS D 107 6.95 4.66 13.64
CA LYS D 107 6.37 4.80 12.32
C LYS D 107 4.86 4.98 12.42
N ALA D 108 4.31 5.74 11.49
CA ALA D 108 2.88 6.01 11.44
C ALA D 108 2.47 6.15 9.99
N ASN D 109 1.50 5.34 9.58
CA ASN D 109 0.99 5.38 8.22
C ASN D 109 -0.07 6.47 8.08
N PRO D 110 -0.20 7.02 6.87
CA PRO D 110 -1.03 8.21 6.64
C PRO D 110 -2.52 7.94 6.61
N THR D 111 -3.27 8.92 7.08
CA THR D 111 -4.69 9.04 6.82
C THR D 111 -4.84 9.85 5.53
N VAL D 112 -5.68 9.35 4.63
CA VAL D 112 -5.86 9.99 3.32
C VAL D 112 -7.33 10.34 3.10
N THR D 113 -7.56 11.60 2.70
CA THR D 113 -8.91 12.10 2.46
C THR D 113 -8.93 12.72 1.09
N LEU D 114 -9.84 12.26 0.24
CA LEU D 114 -9.91 12.74 -1.14
C LEU D 114 -11.28 13.38 -1.39
N PHE D 115 -11.26 14.63 -1.87
CA PHE D 115 -12.47 15.35 -2.22
C PHE D 115 -12.58 15.48 -3.73
N PRO D 116 -13.76 15.22 -4.28
CA PRO D 116 -14.00 15.49 -5.71
C PRO D 116 -14.21 17.00 -5.92
N PRO D 117 -14.28 17.43 -7.20
CA PRO D 117 -14.63 18.83 -7.46
C PRO D 117 -16.00 19.18 -6.89
N SER D 118 -16.15 20.37 -6.31
CA SER D 118 -17.45 20.83 -5.86
C SER D 118 -18.30 21.23 -7.05
N SER D 119 -19.61 21.12 -6.88
CA SER D 119 -20.54 21.63 -7.87
C SER D 119 -20.22 23.09 -8.18
N GLU D 120 -19.96 23.86 -7.13
CA GLU D 120 -19.65 25.28 -7.27
C GLU D 120 -18.47 25.51 -8.21
N GLU D 121 -17.39 24.75 -8.00
CA GLU D 121 -16.23 24.92 -8.86
C GLU D 121 -16.57 24.56 -10.30
N LEU D 122 -17.33 23.49 -10.48
CA LEU D 122 -17.72 23.08 -11.83
C LEU D 122 -18.53 24.18 -12.52
N GLN D 123 -19.36 24.88 -11.77
CA GLN D 123 -20.11 26.00 -12.35
C GLN D 123 -19.19 27.15 -12.74
N ALA D 124 -18.00 27.18 -12.14
CA ALA D 124 -16.98 28.16 -12.50
C ALA D 124 -16.08 27.61 -13.60
N ASN D 125 -16.51 26.52 -14.22
CA ASN D 125 -15.80 25.90 -15.33
C ASN D 125 -14.39 25.46 -14.97
N LYS D 126 -14.24 24.98 -13.74
CA LYS D 126 -12.97 24.45 -13.26
C LYS D 126 -13.25 23.18 -12.49
N ALA D 127 -12.19 22.42 -12.22
CA ALA D 127 -12.32 21.20 -11.44
C ALA D 127 -10.99 20.91 -10.77
N THR D 128 -11.05 20.65 -9.47
CA THR D 128 -9.87 20.37 -8.69
C THR D 128 -10.19 19.20 -7.76
N LEU D 129 -9.35 18.17 -7.80
CA LEU D 129 -9.41 17.10 -6.83
C LEU D 129 -8.43 17.42 -5.73
N VAL D 130 -8.82 17.20 -4.48
CA VAL D 130 -7.98 17.56 -3.34
C VAL D 130 -7.71 16.32 -2.49
N CYS D 131 -6.44 16.00 -2.32
CA CYS D 131 -6.02 14.83 -1.57
C CYS D 131 -5.20 15.28 -0.37
N LEU D 132 -5.74 15.07 0.82
CA LEU D 132 -5.09 15.50 2.04
C LEU D 132 -4.53 14.30 2.76
N ILE D 133 -3.28 14.42 3.21
CA ILE D 133 -2.55 13.29 3.77
C ILE D 133 -2.01 13.72 5.13
N SER D 134 -2.33 12.96 6.16
CA SER D 134 -1.93 13.40 7.48
C SER D 134 -1.51 12.28 8.42
N ASP D 135 -0.85 12.70 9.49
CA ASP D 135 -0.52 11.84 10.63
C ASP D 135 0.44 10.73 10.25
N PHE D 136 1.45 11.06 9.45
CA PHE D 136 2.43 10.03 9.09
C PHE D 136 3.83 10.36 9.60
N TYR D 137 4.63 9.31 9.76
CA TYR D 137 6.01 9.46 10.14
C TYR D 137 6.73 8.22 9.65
N PRO D 138 7.93 8.37 9.05
CA PRO D 138 8.66 9.63 8.84
C PRO D 138 8.01 10.53 7.80
N GLY D 139 8.56 11.72 7.60
CA GLY D 139 7.93 12.75 6.78
C GLY D 139 8.27 12.64 5.31
N ALA D 140 7.91 11.51 4.72
CA ALA D 140 8.11 11.28 3.29
C ALA D 140 6.93 10.46 2.79
N VAL D 141 6.28 10.92 1.72
CA VAL D 141 5.24 10.16 1.04
C VAL D 141 5.38 10.34 -0.46
N THR D 142 4.90 9.36 -1.21
CA THR D 142 4.77 9.51 -2.64
C THR D 142 3.30 9.53 -2.98
N VAL D 143 2.89 10.52 -3.79
CA VAL D 143 1.51 10.61 -4.22
C VAL D 143 1.42 10.34 -5.70
N ALA D 144 0.55 9.40 -6.05
CA ALA D 144 0.27 9.11 -7.45
C ALA D 144 -1.22 9.34 -7.71
N TRP D 145 -1.51 10.06 -8.78
CA TRP D 145 -2.88 10.24 -9.19
C TRP D 145 -3.19 9.32 -10.35
N LYS D 146 -4.42 8.84 -10.42
CA LYS D 146 -4.85 7.98 -11.53
C LYS D 146 -6.15 8.47 -12.12
N ALA D 147 -6.23 8.45 -13.45
CA ALA D 147 -7.50 8.61 -14.15
C ALA D 147 -7.93 7.20 -14.55
N ASP D 148 -9.06 6.75 -14.03
CA ASP D 148 -9.39 5.32 -14.04
C ASP D 148 -8.21 4.59 -13.40
N SER D 149 -7.50 3.74 -14.15
CA SER D 149 -6.36 3.06 -13.55
C SER D 149 -5.01 3.54 -14.13
N SER D 150 -5.04 4.61 -14.92
CA SER D 150 -3.83 5.14 -15.54
C SER D 150 -3.25 6.31 -14.78
N PRO D 151 -1.95 6.24 -14.43
CA PRO D 151 -1.36 7.38 -13.73
C PRO D 151 -1.39 8.68 -14.53
N VAL D 152 -1.53 9.80 -13.82
CA VAL D 152 -1.50 11.11 -14.45
C VAL D 152 -0.59 12.05 -13.65
N LYS D 153 0.25 12.76 -14.37
CA LYS D 153 1.18 13.71 -13.78
C LYS D 153 0.77 15.14 -14.11
N ALA D 154 0.11 15.32 -15.26
CA ALA D 154 -0.26 16.65 -15.70
C ALA D 154 -1.29 17.24 -14.75
N GLY D 155 -1.13 18.51 -14.40
CA GLY D 155 -2.05 19.21 -13.52
C GLY D 155 -1.91 18.86 -12.05
N VAL D 156 -0.86 18.12 -11.70
CA VAL D 156 -0.62 17.74 -10.30
C VAL D 156 0.28 18.74 -9.60
N GLU D 157 -0.11 19.13 -8.39
CA GLU D 157 0.77 19.88 -7.49
C GLU D 157 0.72 19.28 -6.09
N THR D 158 1.88 19.00 -5.53
CA THR D 158 1.95 18.33 -4.23
C THR D 158 2.90 19.12 -3.34
N THR D 159 2.51 19.33 -2.09
CA THR D 159 3.37 20.02 -1.14
C THR D 159 4.39 19.09 -0.51
N THR D 160 5.51 19.66 -0.09
CA THR D 160 6.48 18.93 0.71
C THR D 160 5.86 18.65 2.08
N PRO D 161 6.14 17.48 2.65
CA PRO D 161 5.52 17.24 3.97
C PRO D 161 5.99 18.25 5.02
N SER D 162 5.07 18.57 5.94
CA SER D 162 5.26 19.60 6.94
C SER D 162 4.78 19.01 8.26
N LYS D 163 5.44 19.37 9.35
CA LYS D 163 5.03 18.91 10.67
C LYS D 163 3.68 19.47 11.10
N GLN D 164 2.91 18.67 11.83
CA GLN D 164 1.68 19.11 12.48
C GLN D 164 1.92 19.28 13.97
N SER D 165 0.91 19.78 14.68
CA SER D 165 1.05 20.10 16.09
C SER D 165 1.27 18.85 16.95
N ASN D 166 0.97 17.67 16.41
CA ASN D 166 1.20 16.43 17.14
C ASN D 166 2.54 15.81 16.77
N ASN D 167 3.36 16.58 16.07
CA ASN D 167 4.70 16.16 15.68
C ASN D 167 4.76 15.03 14.66
N LYS D 168 3.65 14.76 14.00
CA LYS D 168 3.71 13.93 12.81
C LYS D 168 3.63 14.83 11.58
N TYR D 169 3.59 14.26 10.40
CA TYR D 169 3.66 15.05 9.18
C TYR D 169 2.36 15.03 8.39
N ALA D 170 2.18 16.07 7.57
CA ALA D 170 1.04 16.18 6.67
C ALA D 170 1.51 16.68 5.33
N ALA D 171 0.70 16.44 4.29
CA ALA D 171 0.96 16.99 2.97
C ALA D 171 -0.35 17.05 2.24
N SER D 172 -0.36 17.74 1.13
CA SER D 172 -1.55 17.82 0.31
C SER D 172 -1.17 17.72 -1.14
N SER D 173 -2.10 17.26 -1.95
CA SER D 173 -1.87 17.16 -3.37
C SER D 173 -3.16 17.49 -4.06
N TYR D 174 -3.02 18.10 -5.23
CA TYR D 174 -4.12 18.58 -6.02
C TYR D 174 -4.00 18.11 -7.44
N LEU D 175 -5.13 17.76 -8.05
CA LEU D 175 -5.15 17.44 -9.47
C LEU D 175 -6.10 18.40 -10.14
N SER D 176 -5.60 19.18 -11.08
CA SER D 176 -6.44 20.11 -11.83
C SER D 176 -6.93 19.41 -13.10
N LEU D 177 -8.23 19.49 -13.34
CA LEU D 177 -8.89 18.88 -14.49
C LEU D 177 -9.84 19.88 -15.11
N THR D 178 -10.23 19.65 -16.36
CA THR D 178 -11.37 20.37 -16.92
C THR D 178 -12.62 19.65 -16.46
N PRO D 179 -13.74 20.38 -16.39
CA PRO D 179 -15.01 19.73 -16.07
C PRO D 179 -15.29 18.52 -16.97
N GLU D 180 -14.94 18.63 -18.26
CA GLU D 180 -15.18 17.54 -19.19
C GLU D 180 -14.35 16.29 -18.84
N GLN D 181 -13.09 16.49 -18.46
CA GLN D 181 -12.26 15.37 -18.01
C GLN D 181 -12.88 14.68 -16.80
N TRP D 182 -13.34 15.48 -15.85
CA TRP D 182 -13.94 14.92 -14.65
C TRP D 182 -15.18 14.10 -14.99
N LYS D 183 -16.04 14.64 -15.84
CA LYS D 183 -17.33 14.02 -16.11
C LYS D 183 -17.20 12.78 -16.99
N SER D 184 -16.13 12.70 -17.77
CA SER D 184 -16.02 11.66 -18.79
C SER D 184 -15.26 10.41 -18.36
N HIS D 185 -14.64 10.44 -17.19
CA HIS D 185 -13.93 9.27 -16.67
C HIS D 185 -14.80 8.51 -15.67
N ARG D 186 -14.59 7.21 -15.58
CA ARG D 186 -15.27 6.42 -14.56
C ARG D 186 -14.90 6.91 -13.16
N SER D 187 -13.62 7.21 -12.95
CA SER D 187 -13.18 7.66 -11.64
C SER D 187 -11.78 8.25 -11.67
N TYR D 188 -11.41 8.88 -10.55
CA TYR D 188 -10.04 9.35 -10.32
C TYR D 188 -9.64 8.87 -8.94
N SER D 189 -8.35 8.61 -8.77
CA SER D 189 -7.83 8.10 -7.51
C SER D 189 -6.59 8.86 -7.06
N CYS D 190 -6.42 8.95 -5.75
CA CYS D 190 -5.19 9.43 -5.15
C CYS D 190 -4.59 8.25 -4.38
N GLN D 191 -3.39 7.84 -4.75
CA GLN D 191 -2.74 6.69 -4.12
C GLN D 191 -1.48 7.14 -3.43
N VAL D 192 -1.41 6.92 -2.11
CA VAL D 192 -0.30 7.44 -1.33
C VAL D 192 0.55 6.28 -0.83
N THR D 193 1.84 6.34 -1.15
CA THR D 193 2.77 5.31 -0.71
C THR D 193 3.63 5.85 0.43
N HIS D 194 3.75 5.07 1.50
CA HIS D 194 4.57 5.47 2.64
C HIS D 194 5.31 4.21 3.08
N GLU D 195 6.60 4.19 2.79
CA GLU D 195 7.41 3.01 3.04
C GLU D 195 6.76 1.83 2.30
N GLY D 196 6.39 0.79 3.03
CA GLY D 196 5.89 -0.42 2.41
C GLY D 196 4.38 -0.48 2.35
N SER D 197 3.71 0.63 2.65
CA SER D 197 2.26 0.65 2.67
CA SER D 197 2.27 0.64 2.67
C SER D 197 1.73 1.59 1.61
N THR D 198 0.53 1.31 1.13
CA THR D 198 -0.14 2.18 0.18
CA THR D 198 -0.15 2.18 0.18
C THR D 198 -1.58 2.36 0.62
N VAL D 199 -2.11 3.57 0.41
CA VAL D 199 -3.48 3.87 0.74
C VAL D 199 -4.04 4.55 -0.50
N GLU D 200 -5.12 4.02 -1.06
CA GLU D 200 -5.74 4.64 -2.22
C GLU D 200 -7.19 5.02 -1.92
N LYS D 201 -7.56 6.21 -2.36
CA LYS D 201 -8.94 6.66 -2.30
C LYS D 201 -9.37 6.99 -3.73
N THR D 202 -10.65 6.81 -3.99
CA THR D 202 -11.20 6.94 -5.33
C THR D 202 -12.51 7.72 -5.27
N VAL D 203 -12.70 8.62 -6.23
CA VAL D 203 -13.97 9.36 -6.34
C VAL D 203 -14.47 9.32 -7.77
N ALA D 204 -15.76 9.52 -7.96
CA ALA D 204 -16.39 9.38 -9.27
C ALA D 204 -17.45 10.45 -9.44
N PRO D 205 -17.63 10.92 -10.69
CA PRO D 205 -18.64 11.94 -10.94
C PRO D 205 -20.04 11.37 -10.64
N THR D 206 -20.97 12.21 -10.21
CA THR D 206 -22.27 11.70 -9.77
C THR D 206 -23.42 12.52 -10.34
S SO4 E . 6.72 -29.02 8.05
O1 SO4 E . 7.07 -28.97 9.47
O2 SO4 E . 7.87 -29.51 7.29
O3 SO4 E . 5.58 -29.92 7.87
O4 SO4 E . 6.37 -27.68 7.59
S SO4 F . 17.55 -19.59 21.12
O1 SO4 F . 18.12 -18.63 22.07
O2 SO4 F . 18.03 -20.93 21.45
O3 SO4 F . 16.10 -19.54 21.23
O4 SO4 F . 17.98 -19.26 19.77
S SO4 G . -32.99 -34.75 -21.57
O1 SO4 G . -32.94 -35.09 -20.16
O2 SO4 G . -32.41 -35.85 -22.35
O3 SO4 G . -34.39 -34.56 -21.97
O4 SO4 G . -32.25 -33.52 -21.86
S SO4 H . 1.65 -26.41 3.67
O1 SO4 H . 0.38 -26.86 4.23
O2 SO4 H . 2.48 -27.58 3.37
O3 SO4 H . 1.39 -25.67 2.44
O4 SO4 H . 2.35 -25.56 4.63
S SO4 I . -7.43 -11.04 22.29
O1 SO4 I . -7.37 -11.67 23.61
O2 SO4 I . -6.30 -11.52 21.49
O3 SO4 I . -8.68 -11.40 21.64
O4 SO4 I . -7.33 -9.59 22.44
S SO4 J . -33.02 -42.32 -17.22
O1 SO4 J . -33.44 -41.10 -16.50
O2 SO4 J . -32.87 -43.42 -16.27
O3 SO4 J . -34.04 -42.67 -18.21
O4 SO4 J . -31.75 -42.07 -17.88
C1 EDO K . 2.63 -23.50 8.89
O1 EDO K . 3.71 -23.56 7.97
C2 EDO K . 3.19 -23.09 10.26
O2 EDO K . 4.03 -24.13 10.76
H11 EDO K . 1.89 -22.78 8.55
H12 EDO K . 2.15 -24.49 8.97
HO1 EDO K . 3.39 -23.83 7.10
H21 EDO K . 3.76 -22.17 10.15
H22 EDO K . 2.37 -22.92 10.95
HO2 EDO K . 4.39 -23.87 11.61
C1 EDO L . -4.34 -27.63 4.39
O1 EDO L . -4.15 -27.28 3.02
C2 EDO L . -5.75 -27.22 4.82
O2 EDO L . -5.68 -26.05 5.63
H11 EDO L . -4.20 -28.70 4.53
H12 EDO L . -3.60 -27.10 5.01
HO1 EDO L . -3.26 -27.53 2.74
H21 EDO L . -6.37 -27.04 3.94
H22 EDO L . -6.20 -28.04 5.38
HO2 EDO L . -6.58 -25.80 5.90
C1 EDO M . 15.56 -16.17 19.73
O1 EDO M . 16.54 -15.17 19.40
C2 EDO M . 15.22 -16.06 21.20
O2 EDO M . 15.50 -17.29 21.89
H11 EDO M . 14.66 -16.02 19.13
H12 EDO M . 15.96 -17.17 19.51
HO1 EDO M . 16.76 -15.23 18.47
H21 EDO M . 15.81 -15.26 21.65
H22 EDO M . 14.17 -15.82 21.31
HO2 EDO M . 15.28 -17.19 22.82
C1 EDO N . 10.51 -27.16 21.93
O1 EDO N . 10.36 -27.57 20.57
C2 EDO N . 10.41 -28.35 22.86
O2 EDO N . 11.24 -29.41 22.40
H11 EDO N . 11.48 -26.67 22.05
H12 EDO N . 9.74 -26.43 22.18
HO1 EDO N . 10.43 -26.81 19.98
H21 EDO N . 10.71 -28.06 23.88
H22 EDO N . 9.37 -28.69 22.91
HO2 EDO N . 11.18 -30.16 22.99
C1 EDO O . -19.20 -23.61 -23.94
O1 EDO O . -20.47 -22.94 -23.96
C2 EDO O . -19.41 -25.11 -24.15
O2 EDO O . -20.30 -25.62 -23.14
H11 EDO O . -18.57 -23.21 -24.75
H12 EDO O . -18.70 -23.43 -23.00
HO1 EDO O . -20.34 -21.99 -23.83
H21 EDO O . -19.84 -25.29 -25.14
H22 EDO O . -18.45 -25.61 -24.09
HO2 EDO O . -20.41 -26.58 -23.28
C1 GOL P . 13.79 -26.72 21.11
O1 GOL P . 13.96 -27.37 22.35
C2 GOL P . 13.51 -25.24 21.33
O2 GOL P . 14.59 -24.60 21.95
C3 GOL P . 13.26 -24.56 19.99
O3 GOL P . 13.05 -23.19 20.23
H11 GOL P . 14.70 -26.84 20.50
H12 GOL P . 12.96 -27.19 20.56
HO1 GOL P . 14.09 -28.33 22.21
H2 GOL P . 12.61 -25.15 21.94
HO2 GOL P . 15.38 -24.66 21.37
H31 GOL P . 14.13 -24.69 19.34
H32 GOL P . 12.39 -24.99 19.50
HO3 GOL P . 13.16 -22.69 19.40
S SO4 Q . 8.64 -2.49 11.15
O1 SO4 Q . 7.36 -1.98 11.63
O2 SO4 Q . 8.82 -3.86 11.59
O3 SO4 Q . 8.66 -2.42 9.69
O4 SO4 Q . 9.71 -1.66 11.68
C1 EDO R . -10.10 -17.35 -18.60
O1 EDO R . -10.99 -18.42 -18.30
C2 EDO R . -10.59 -16.08 -17.91
O2 EDO R . -11.89 -15.73 -18.41
H11 EDO R . -9.09 -17.59 -18.25
H12 EDO R . -10.05 -17.19 -19.68
HO1 EDO R . -10.69 -19.23 -18.73
H21 EDO R . -10.65 -16.24 -16.83
H22 EDO R . -9.89 -15.27 -18.09
HO2 EDO R . -12.19 -14.92 -17.98
S SO4 S . -17.94 38.98 8.41
O1 SO4 S . -19.03 38.89 9.38
O2 SO4 S . -17.42 37.65 8.10
O3 SO4 S . -18.44 39.61 7.20
O4 SO4 S . -16.85 39.76 8.96
S SO4 T . -22.97 25.18 -2.20
O1 SO4 T . -24.01 25.08 -1.18
O2 SO4 T . -22.78 23.89 -2.87
O3 SO4 T . -23.36 26.18 -3.19
O4 SO4 T . -21.72 25.59 -1.57
S SO4 U . -6.64 27.04 -13.06
O1 SO4 U . -7.55 27.83 -12.22
O2 SO4 U . -6.40 25.74 -12.45
O3 SO4 U . -7.27 26.86 -14.37
O4 SO4 U . -5.40 27.77 -13.22
C1 EDO V . 33.77 13.09 -21.39
O1 EDO V . 34.39 14.06 -20.54
C2 EDO V . 33.61 11.77 -20.64
O2 EDO V . 34.79 11.53 -19.87
H11 EDO V . 32.80 13.46 -21.72
H12 EDO V . 34.39 12.93 -22.28
HO1 EDO V . 34.49 14.90 -21.01
H21 EDO V . 32.74 11.83 -19.98
H22 EDO V . 33.45 10.96 -21.35
HO2 EDO V . 34.70 10.69 -19.39
C1 EDO W . -3.95 23.54 -7.57
O1 EDO W . -4.52 23.11 -8.81
C2 EDO W . -5.09 23.88 -6.62
O2 EDO W . -5.90 24.89 -7.21
H11 EDO W . -3.33 22.74 -7.15
H12 EDO W . -3.32 24.42 -7.72
HO1 EDO W . -3.81 22.89 -9.42
H21 EDO W . -5.69 23.00 -6.42
H22 EDO W . -4.68 24.24 -5.66
HO2 EDO W . -6.62 25.11 -6.61
C1 EDO X . -4.08 24.25 11.64
O1 EDO X . -3.07 24.50 10.66
C2 EDO X . -4.16 25.44 12.59
O2 EDO X . -2.86 25.70 13.12
H11 EDO X . -5.05 24.10 11.15
H12 EDO X . -3.84 23.34 12.20
HO1 EDO X . -3.02 23.74 10.05
H21 EDO X . -4.52 26.32 12.05
H22 EDO X . -4.86 25.22 13.40
HO2 EDO X . -2.91 26.45 13.72
C1 EDO Y . 20.03 42.28 -20.33
O1 EDO Y . 18.80 42.99 -20.47
C2 EDO Y . 20.34 42.05 -18.85
O2 EDO Y . 19.42 41.10 -18.29
H11 EDO Y . 19.96 41.32 -20.84
H12 EDO Y . 20.84 42.86 -20.79
HO1 EDO Y . 18.61 43.13 -21.40
H21 EDO Y . 21.35 41.68 -18.74
H22 EDO Y . 20.25 43.00 -18.31
HO2 EDO Y . 19.62 40.97 -17.36
S SO4 Z . 12.03 14.26 12.40
O1 SO4 Z . 12.13 13.48 13.63
O2 SO4 Z . 12.56 13.45 11.30
O3 SO4 Z . 10.63 14.58 12.13
O4 SO4 Z . 12.80 15.49 12.53
S SO4 AA . -0.39 23.20 -12.89
O1 SO4 AA . -0.63 22.70 -11.54
O2 SO4 AA . -0.11 22.07 -13.78
O3 SO4 AA . -1.58 23.89 -13.37
O4 SO4 AA . 0.74 24.10 -12.88
S SO4 BA . 40.32 12.14 -2.16
O1 SO4 BA . 39.64 12.79 -1.04
O2 SO4 BA . 40.25 10.69 -2.01
O3 SO4 BA . 39.66 12.53 -3.41
O4 SO4 BA . 41.71 12.58 -2.20
S SO4 CA . -0.82 22.46 12.81
O1 SO4 CA . -0.86 23.58 13.78
O2 SO4 CA . -1.34 21.23 13.42
O3 SO4 CA . -1.67 22.77 11.66
O4 SO4 CA . 0.56 22.30 12.32
S SO4 DA . -7.94 13.00 -20.83
O1 SO4 DA . -7.74 13.42 -19.44
O2 SO4 DA . -7.06 11.88 -21.12
O3 SO4 DA . -9.33 12.59 -21.02
O4 SO4 DA . -7.65 14.13 -21.71
S SO4 EA . -13.52 6.35 2.76
O1 SO4 EA . -12.77 5.77 3.87
O2 SO4 EA . -13.33 5.55 1.55
O3 SO4 EA . -14.94 6.40 3.10
O4 SO4 EA . -13.03 7.71 2.50
C1 EDO FA . -8.24 2.05 -17.51
O1 EDO FA . -7.40 3.05 -16.88
C2 EDO FA . -9.07 1.33 -16.46
O2 EDO FA . -10.45 1.29 -16.86
H11 EDO FA . -8.89 2.54 -18.23
H12 EDO FA . -7.62 1.34 -18.04
HO1 EDO FA . -6.89 3.50 -17.55
H21 EDO FA . -8.70 0.32 -16.33
H22 EDO FA . -8.99 1.84 -15.50
HO2 EDO FA . -10.97 0.83 -16.19
C1 EDO GA . 28.89 -2.13 -13.28
O1 EDO GA . 30.28 -2.20 -12.91
C2 EDO GA . 28.54 -3.32 -14.16
O2 EDO GA . 28.35 -4.49 -13.35
H11 EDO GA . 28.26 -2.13 -12.39
H12 EDO GA . 28.71 -1.20 -13.83
HO1 EDO GA . 30.50 -1.44 -12.35
H21 EDO GA . 27.63 -3.12 -14.71
H22 EDO GA . 29.34 -3.50 -14.88
HO2 EDO GA . 28.14 -5.24 -13.92
#